data_2BK3
#
_entry.id   2BK3
#
_cell.length_a   132.634
_cell.length_b   222.096
_cell.length_c   86.961
_cell.angle_alpha   90.00
_cell.angle_beta   90.00
_cell.angle_gamma   90.00
#
_symmetry.space_group_name_H-M   'C 2 2 2'
#
loop_
_entity.id
_entity.type
_entity.pdbx_description
1 polymer 'AMINE OXIDASE [FLAVIN-CONTAINING] B'
2 non-polymer 'FLAVIN-ADENINE DINUCLEOTIDE'
3 non-polymer (2E,6E)-3,7,11-trimethyldodeca-2,6,10-trien-1-ol
4 water water
#
_entity_poly.entity_id   1
_entity_poly.type   'polypeptide(L)'
_entity_poly.pdbx_seq_one_letter_code
;MSNKCDVVVVGGGISGMAAAKLLHDSGLNVVVLEARDRVGGRTYTLRNQKVKYVDLGGSYVGPTQNRILRLAKELGLETY
KVNEVERLIHHVKGKSYPFRGPFPPVWNPITYLDHNNFWRTMDDMGREIPSDAPWKAPLAEEWDNMTMKELLDKLCWTES
AKQLATLFVNLCVTAETHEVSALWFLWYVKQCGGTTRIISTTNGGQERKFVGGSGQVSERIMDLLGDRVKLERPVIYIDQ
TRENVLVETLNHEMYEAKYVISAIPPTLGMKIHFNPPLPMMRNQMITRVPLGSVIKCIVYYKEPFWRKKDYCGTMIIDGE
EAPVAYTLDDTKPEGNYAAIMGFILAHKARKLARLTKEERLKKLCELYAKVLGSLEALEPVHYEEKNWCEEQYSGGCYTT
YFPPGILTQYGRVLRQPVDRIYFAGTETATHWSGYMEGAVEAGERAAREILHAMGKIPEDEIWQSEPESVDVPAQPITTT
FLERHLPSVPGLLRLIGLTTIFSATALGFLAHKRGLLVRV
;
_entity_poly.pdbx_strand_id   A,B
#
# COMPACT_ATOMS: atom_id res chain seq x y z
N ASN A 3 -8.29 12.02 -32.59
CA ASN A 3 -9.36 12.67 -31.76
C ASN A 3 -10.48 11.71 -31.37
N LYS A 4 -11.40 11.42 -32.29
CA LYS A 4 -12.64 10.72 -31.93
C LYS A 4 -12.68 9.24 -32.31
N CYS A 5 -13.16 8.41 -31.37
CA CYS A 5 -13.33 6.97 -31.56
C CYS A 5 -14.45 6.43 -30.66
N ASP A 6 -14.74 5.14 -30.79
CA ASP A 6 -15.72 4.47 -29.93
C ASP A 6 -15.19 4.19 -28.51
N VAL A 7 -14.01 3.58 -28.43
CA VAL A 7 -13.39 3.23 -27.14
C VAL A 7 -11.90 3.56 -27.10
N VAL A 8 -11.47 4.23 -26.02
CA VAL A 8 -10.05 4.42 -25.76
C VAL A 8 -9.62 3.32 -24.77
N VAL A 9 -8.56 2.60 -25.13
CA VAL A 9 -7.95 1.64 -24.21
C VAL A 9 -6.67 2.25 -23.66
N VAL A 10 -6.57 2.35 -22.34
CA VAL A 10 -5.37 2.87 -21.68
C VAL A 10 -4.44 1.71 -21.29
N GLY A 11 -3.28 1.64 -21.93
CA GLY A 11 -2.35 0.53 -21.74
C GLY A 11 -2.35 -0.48 -22.87
N GLY A 12 -1.18 -0.70 -23.44
CA GLY A 12 -0.98 -1.69 -24.51
C GLY A 12 -0.18 -2.90 -24.07
N GLY A 13 -0.46 -3.41 -22.86
CA GLY A 13 0.00 -4.73 -22.46
C GLY A 13 -0.94 -5.78 -23.05
N ILE A 14 -0.77 -7.05 -22.70
CA ILE A 14 -1.65 -8.12 -23.21
C ILE A 14 -3.15 -7.86 -22.96
N SER A 15 -3.49 -7.34 -21.77
CA SER A 15 -4.88 -7.09 -21.43
C SER A 15 -5.54 -6.03 -22.32
N GLY A 16 -4.86 -4.89 -22.48
CA GLY A 16 -5.34 -3.80 -23.31
C GLY A 16 -5.41 -4.22 -24.77
N MET A 17 -4.40 -4.97 -25.22
CA MET A 17 -4.35 -5.42 -26.62
C MET A 17 -5.43 -6.46 -26.91
N ALA A 18 -5.65 -7.41 -26.00
CA ALA A 18 -6.76 -8.35 -26.13
C ALA A 18 -8.12 -7.64 -26.17
N ALA A 19 -8.31 -6.65 -25.30
CA ALA A 19 -9.54 -5.87 -25.29
C ALA A 19 -9.74 -5.14 -26.62
N ALA A 20 -8.68 -4.46 -27.08
CA ALA A 20 -8.76 -3.67 -28.31
C ALA A 20 -9.06 -4.57 -29.51
N LYS A 21 -8.43 -5.75 -29.53
CA LYS A 21 -8.62 -6.67 -30.65
C LYS A 21 -10.07 -7.17 -30.71
N LEU A 22 -10.64 -7.51 -29.55
CA LEU A 22 -12.03 -7.93 -29.49
C LEU A 22 -12.97 -6.84 -30.02
N LEU A 23 -12.78 -5.62 -29.53
CA LEU A 23 -13.60 -4.48 -29.93
C LEU A 23 -13.45 -4.17 -31.42
N HIS A 24 -12.22 -4.25 -31.92
CA HIS A 24 -11.90 -3.99 -33.33
C HIS A 24 -12.58 -5.03 -34.22
N ASP A 25 -12.48 -6.30 -33.83
CA ASP A 25 -13.12 -7.41 -34.56
C ASP A 25 -14.65 -7.29 -34.57
N SER A 26 -15.20 -6.67 -33.52
CA SER A 26 -16.64 -6.44 -33.45
C SER A 26 -17.13 -5.26 -34.29
N GLY A 27 -16.19 -4.53 -34.91
CA GLY A 27 -16.55 -3.42 -35.79
C GLY A 27 -16.47 -2.02 -35.20
N LEU A 28 -15.96 -1.90 -33.97
CA LEU A 28 -15.83 -0.59 -33.32
C LEU A 28 -14.49 0.07 -33.60
N ASN A 29 -14.46 1.40 -33.49
CA ASN A 29 -13.25 2.19 -33.69
C ASN A 29 -12.54 2.36 -32.35
N VAL A 30 -11.35 1.76 -32.26
CA VAL A 30 -10.59 1.75 -31.02
C VAL A 30 -9.26 2.46 -31.16
N VAL A 31 -8.82 3.07 -30.06
CA VAL A 31 -7.49 3.65 -29.99
C VAL A 31 -6.82 3.09 -28.74
N VAL A 32 -5.54 2.71 -28.86
CA VAL A 32 -4.76 2.26 -27.69
C VAL A 32 -3.70 3.30 -27.35
N LEU A 33 -3.75 3.81 -26.13
CA LEU A 33 -2.79 4.80 -25.67
C LEU A 33 -1.77 4.14 -24.75
N GLU A 34 -0.54 4.03 -25.24
CA GLU A 34 0.52 3.31 -24.52
C GLU A 34 1.61 4.29 -24.09
N ALA A 35 1.91 4.28 -22.79
CA ALA A 35 2.91 5.17 -22.22
C ALA A 35 4.33 4.98 -22.76
N ARG A 36 4.72 3.72 -23.01
CA ARG A 36 6.10 3.43 -23.41
C ARG A 36 6.29 3.54 -24.93
N ASP A 37 7.55 3.46 -25.35
CA ASP A 37 7.93 3.37 -26.77
C ASP A 37 7.76 1.96 -27.36
N ARG A 38 7.08 1.09 -26.61
CA ARG A 38 6.83 -0.30 -26.99
C ARG A 38 5.50 -0.80 -26.40
N VAL A 39 4.92 -1.84 -27.02
CA VAL A 39 3.81 -2.56 -26.41
C VAL A 39 4.34 -3.76 -25.61
N GLY A 40 3.47 -4.39 -24.80
CA GLY A 40 3.80 -5.61 -24.08
C GLY A 40 3.79 -5.49 -22.56
N GLY A 41 4.08 -4.32 -22.04
CA GLY A 41 4.02 -4.07 -20.61
C GLY A 41 4.96 -4.93 -19.76
N ARG A 42 4.37 -5.78 -18.93
CA ARG A 42 5.15 -6.70 -18.09
C ARG A 42 5.67 -7.92 -18.87
N THR A 43 5.31 -8.03 -20.15
CA THR A 43 6.08 -8.88 -21.07
C THR A 43 7.04 -8.02 -21.90
N TYR A 44 8.23 -8.54 -22.13
CA TYR A 44 9.26 -7.86 -22.88
C TYR A 44 10.22 -8.89 -23.45
N THR A 45 10.25 -9.02 -24.77
CA THR A 45 11.20 -9.93 -25.41
C THR A 45 12.38 -9.17 -26.02
N LEU A 46 13.57 -9.34 -25.43
CA LEU A 46 14.80 -8.76 -25.96
C LEU A 46 15.40 -9.63 -27.07
N ARG A 47 15.75 -9.01 -28.20
CA ARG A 47 16.45 -9.68 -29.28
C ARG A 47 17.84 -9.09 -29.54
N ASN A 48 18.85 -9.95 -29.54
CA ASN A 48 20.20 -9.61 -29.97
C ASN A 48 20.90 -10.89 -30.44
N GLN A 49 22.11 -10.75 -30.97
CA GLN A 49 22.80 -11.88 -31.56
C GLN A 49 23.27 -12.92 -30.56
N LYS A 50 23.53 -12.49 -29.32
CA LYS A 50 24.02 -13.40 -28.30
C LYS A 50 22.96 -14.34 -27.71
N VAL A 51 21.71 -13.88 -27.66
CA VAL A 51 20.62 -14.66 -27.05
C VAL A 51 19.59 -15.15 -28.07
N LYS A 52 19.64 -14.57 -29.27
CA LYS A 52 18.58 -14.66 -30.28
C LYS A 52 17.31 -13.92 -29.82
N TYR A 53 16.62 -14.50 -28.84
CA TYR A 53 15.51 -13.81 -28.16
C TYR A 53 15.50 -14.27 -26.70
N VAL A 54 15.05 -13.41 -25.80
CA VAL A 54 14.85 -13.82 -24.40
C VAL A 54 13.71 -13.03 -23.75
N ASP A 55 12.81 -13.73 -23.04
CA ASP A 55 11.78 -13.08 -22.25
C ASP A 55 12.40 -12.56 -20.96
N LEU A 56 12.28 -11.25 -20.75
CA LEU A 56 12.78 -10.63 -19.53
C LEU A 56 11.64 -10.35 -18.56
N GLY A 57 10.41 -10.47 -19.07
CA GLY A 57 9.20 -10.38 -18.27
C GLY A 57 8.45 -11.70 -18.31
N GLY A 58 7.13 -11.64 -18.34
CA GLY A 58 6.28 -12.82 -18.35
C GLY A 58 6.64 -13.73 -19.52
N SER A 59 6.64 -15.03 -19.25
CA SER A 59 7.15 -16.02 -20.21
C SER A 59 6.37 -17.35 -20.24
N TYR A 60 6.09 -17.93 -19.08
CA TYR A 60 5.51 -19.28 -19.00
C TYR A 60 3.99 -19.32 -19.18
N VAL A 61 3.54 -20.35 -19.89
CA VAL A 61 2.12 -20.68 -20.01
C VAL A 61 2.00 -22.19 -19.78
N GLY A 62 0.78 -22.66 -19.47
CA GLY A 62 0.57 -24.08 -19.22
C GLY A 62 -0.87 -24.53 -19.29
N PRO A 63 -1.11 -25.81 -19.04
CA PRO A 63 -2.48 -26.37 -19.04
C PRO A 63 -3.45 -25.63 -18.12
N THR A 64 -4.70 -25.53 -18.58
CA THR A 64 -5.80 -24.71 -18.02
C THR A 64 -5.75 -23.20 -18.34
N GLN A 65 -4.67 -22.74 -18.95
CA GLN A 65 -4.56 -21.34 -19.42
C GLN A 65 -4.99 -21.27 -20.88
N ASN A 66 -6.26 -21.56 -21.12
CA ASN A 66 -6.76 -21.75 -22.48
C ASN A 66 -6.97 -20.48 -23.30
N ARG A 67 -7.17 -19.35 -22.61
CA ARG A 67 -7.36 -18.05 -23.27
C ARG A 67 -6.09 -17.49 -23.91
N ILE A 68 -4.99 -17.46 -23.16
CA ILE A 68 -3.70 -17.03 -23.74
C ILE A 68 -3.25 -18.00 -24.84
N LEU A 69 -3.52 -19.29 -24.66
CA LEU A 69 -3.13 -20.29 -25.65
C LEU A 69 -3.90 -20.12 -26.96
N ARG A 70 -5.19 -19.83 -26.84
CA ARG A 70 -6.05 -19.63 -28.01
C ARG A 70 -5.68 -18.33 -28.72
N LEU A 71 -5.47 -17.26 -27.94
CA LEU A 71 -5.10 -15.96 -28.53
C LEU A 71 -3.77 -16.05 -29.27
N ALA A 72 -2.80 -16.71 -28.66
CA ALA A 72 -1.48 -16.80 -29.29
C ALA A 72 -1.53 -17.68 -30.54
N LYS A 73 -2.31 -18.76 -30.48
CA LYS A 73 -2.44 -19.65 -31.65
C LYS A 73 -3.06 -18.89 -32.83
N GLU A 74 -4.09 -18.09 -32.55
CA GLU A 74 -4.72 -17.25 -33.58
C GLU A 74 -3.74 -16.28 -34.23
N LEU A 75 -2.78 -15.80 -33.45
CA LEU A 75 -1.73 -14.88 -33.93
C LEU A 75 -0.58 -15.59 -34.65
N GLY A 76 -0.63 -16.93 -34.70
CA GLY A 76 0.35 -17.73 -35.42
C GLY A 76 1.55 -18.17 -34.57
N LEU A 77 1.39 -18.12 -33.26
CA LEU A 77 2.48 -18.51 -32.35
C LEU A 77 2.43 -20.00 -32.00
N GLU A 78 3.60 -20.55 -31.66
CA GLU A 78 3.73 -21.94 -31.19
C GLU A 78 4.36 -21.94 -29.80
N THR A 79 4.12 -23.01 -29.04
CA THR A 79 4.80 -23.22 -27.76
C THR A 79 5.83 -24.36 -27.85
N TYR A 80 6.71 -24.39 -26.86
CA TYR A 80 7.59 -25.54 -26.65
C TYR A 80 7.67 -25.82 -25.16
N LYS A 81 8.06 -27.05 -24.81
CA LYS A 81 8.10 -27.51 -23.43
C LYS A 81 9.38 -27.11 -22.70
N VAL A 82 9.21 -26.51 -21.52
CA VAL A 82 10.34 -26.23 -20.63
C VAL A 82 11.00 -27.55 -20.24
N ASN A 83 12.33 -27.60 -20.22
CA ASN A 83 13.04 -28.83 -19.87
C ASN A 83 12.81 -29.32 -18.43
N GLU A 84 12.22 -30.52 -18.33
CA GLU A 84 12.03 -31.20 -17.04
C GLU A 84 12.25 -32.72 -17.17
N VAL A 85 13.13 -33.12 -18.09
CA VAL A 85 13.40 -34.53 -18.34
C VAL A 85 14.21 -35.13 -17.18
N GLU A 86 15.22 -34.39 -16.73
CA GLU A 86 16.13 -34.90 -15.69
C GLU A 86 15.68 -34.46 -14.29
N ARG A 87 16.53 -34.63 -13.27
CA ARG A 87 16.09 -34.40 -11.88
C ARG A 87 16.08 -32.92 -11.52
N LEU A 88 15.11 -32.54 -10.68
CA LEU A 88 15.06 -31.24 -10.04
C LEU A 88 15.97 -31.28 -8.82
N ILE A 89 16.34 -30.12 -8.28
CA ILE A 89 17.20 -30.07 -7.08
C ILE A 89 16.54 -29.22 -6.00
N HIS A 90 16.47 -29.76 -4.79
CA HIS A 90 16.13 -28.96 -3.61
C HIS A 90 17.44 -28.74 -2.84
N HIS A 91 17.83 -27.48 -2.68
CA HIS A 91 19.07 -27.16 -1.96
C HIS A 91 18.68 -26.57 -0.61
N VAL A 92 19.02 -27.28 0.46
CA VAL A 92 18.65 -26.92 1.82
C VAL A 92 19.86 -27.09 2.74
N LYS A 93 20.10 -26.09 3.58
CA LYS A 93 21.20 -26.08 4.55
C LYS A 93 22.57 -26.42 3.94
N GLY A 94 22.86 -25.83 2.78
CA GLY A 94 24.13 -26.01 2.11
C GLY A 94 24.34 -27.29 1.32
N LYS A 95 23.29 -28.11 1.13
CA LYS A 95 23.41 -29.38 0.41
C LYS A 95 22.30 -29.52 -0.64
N SER A 96 22.62 -30.16 -1.76
CA SER A 96 21.65 -30.41 -2.81
C SER A 96 21.06 -31.82 -2.72
N TYR A 97 19.73 -31.90 -2.85
CA TYR A 97 19.00 -33.16 -2.83
C TYR A 97 18.15 -33.31 -4.09
N PRO A 98 18.62 -34.11 -5.05
CA PRO A 98 17.91 -34.32 -6.31
C PRO A 98 16.57 -35.03 -6.11
N PHE A 99 15.61 -34.76 -6.98
CA PHE A 99 14.29 -35.39 -6.86
C PHE A 99 13.47 -35.31 -8.14
N ARG A 100 12.36 -36.05 -8.15
CA ARG A 100 11.41 -36.05 -9.27
C ARG A 100 10.02 -35.75 -8.72
N GLY A 101 9.11 -35.30 -9.60
CA GLY A 101 7.76 -34.96 -9.18
C GLY A 101 7.75 -33.52 -8.71
N PRO A 102 6.57 -32.92 -8.58
CA PRO A 102 6.46 -31.47 -8.34
C PRO A 102 6.91 -31.00 -6.94
N PHE A 103 6.67 -31.81 -5.91
CA PHE A 103 6.94 -31.42 -4.52
C PHE A 103 8.26 -32.00 -4.01
N PRO A 104 9.10 -31.19 -3.39
CA PRO A 104 10.34 -31.69 -2.80
C PRO A 104 10.01 -32.67 -1.67
N PRO A 105 10.52 -33.89 -1.76
CA PRO A 105 10.16 -34.96 -0.84
C PRO A 105 10.81 -34.78 0.53
N VAL A 106 10.25 -35.44 1.52
CA VAL A 106 10.80 -35.42 2.87
C VAL A 106 10.67 -36.80 3.49
N TRP A 107 11.72 -37.22 4.19
CA TRP A 107 11.81 -38.58 4.72
C TRP A 107 11.38 -38.70 6.18
N ASN A 108 11.77 -37.73 6.99
CA ASN A 108 11.41 -37.71 8.41
C ASN A 108 9.89 -37.78 8.62
N PRO A 109 9.41 -38.82 9.32
CA PRO A 109 7.97 -39.07 9.49
C PRO A 109 7.18 -37.89 10.05
N ILE A 110 7.71 -37.18 11.06
CA ILE A 110 7.04 -36.00 11.61
C ILE A 110 7.01 -34.89 10.55
N THR A 111 8.18 -34.61 9.97
CA THR A 111 8.33 -33.59 8.95
C THR A 111 7.44 -33.92 7.74
N TYR A 112 7.33 -35.20 7.43
CA TYR A 112 6.46 -35.64 6.34
C TYR A 112 4.99 -35.28 6.60
N LEU A 113 4.51 -35.57 7.80
CA LEU A 113 3.15 -35.20 8.19
C LEU A 113 2.92 -33.70 8.10
N ASP A 114 3.89 -32.91 8.57
CA ASP A 114 3.80 -31.45 8.56
C ASP A 114 3.76 -30.89 7.11
N HIS A 115 4.70 -31.33 6.27
CA HIS A 115 4.71 -30.93 4.85
C HIS A 115 3.40 -31.31 4.16
N ASN A 116 2.95 -32.56 4.36
CA ASN A 116 1.72 -33.03 3.72
C ASN A 116 0.53 -32.19 4.14
N ASN A 117 0.49 -31.85 5.42
CA ASN A 117 -0.61 -31.08 5.97
C ASN A 117 -0.59 -29.63 5.48
N PHE A 118 0.60 -29.06 5.30
CA PHE A 118 0.69 -27.65 4.87
C PHE A 118 0.03 -27.49 3.50
N TRP A 119 0.45 -28.29 2.53
CA TRP A 119 -0.06 -28.17 1.16
C TRP A 119 -1.57 -28.49 1.10
N ARG A 120 -1.98 -29.52 1.83
CA ARG A 120 -3.38 -29.94 1.91
C ARG A 120 -4.25 -28.82 2.48
N THR A 121 -3.78 -28.20 3.55
CA THR A 121 -4.54 -27.15 4.23
C THR A 121 -4.67 -25.91 3.35
N MET A 122 -3.61 -25.54 2.65
CA MET A 122 -3.68 -24.46 1.66
C MET A 122 -4.87 -24.68 0.71
N ASP A 123 -4.97 -25.88 0.16
CA ASP A 123 -6.05 -26.21 -0.76
C ASP A 123 -7.42 -26.32 -0.05
N ASP A 124 -7.43 -26.87 1.17
CA ASP A 124 -8.67 -26.97 1.97
C ASP A 124 -9.28 -25.59 2.19
N MET A 125 -8.44 -24.67 2.67
CA MET A 125 -8.85 -23.28 2.89
C MET A 125 -9.31 -22.62 1.59
N GLY A 126 -8.57 -22.87 0.51
CA GLY A 126 -8.90 -22.30 -0.79
C GLY A 126 -10.29 -22.67 -1.28
N ARG A 127 -10.75 -23.87 -0.94
CA ARG A 127 -12.06 -24.38 -1.38
C ARG A 127 -13.23 -23.59 -0.81
N GLU A 128 -12.97 -22.87 0.29
CA GLU A 128 -13.98 -22.02 0.90
C GLU A 128 -14.06 -20.59 0.33
N ILE A 129 -13.18 -20.28 -0.63
CA ILE A 129 -13.02 -18.92 -1.17
C ILE A 129 -13.51 -18.85 -2.61
N PRO A 130 -14.61 -18.13 -2.85
CA PRO A 130 -15.10 -17.93 -4.22
C PRO A 130 -14.10 -17.18 -5.09
N SER A 131 -13.81 -17.71 -6.29
CA SER A 131 -12.88 -17.10 -7.24
C SER A 131 -13.25 -15.66 -7.59
N ASP A 132 -14.55 -15.42 -7.78
CA ASP A 132 -15.02 -14.11 -8.22
C ASP A 132 -15.39 -13.18 -7.08
N ALA A 133 -15.24 -13.62 -5.84
CA ALA A 133 -15.61 -12.82 -4.67
C ALA A 133 -14.96 -13.38 -3.39
N PRO A 134 -13.64 -13.28 -3.29
CA PRO A 134 -12.92 -13.82 -2.11
C PRO A 134 -13.40 -13.26 -0.78
N TRP A 135 -13.86 -12.02 -0.77
CA TRP A 135 -14.39 -11.36 0.43
C TRP A 135 -15.69 -12.03 0.92
N LYS A 136 -16.25 -12.94 0.11
CA LYS A 136 -17.44 -13.70 0.50
C LYS A 136 -17.13 -15.01 1.24
N ALA A 137 -15.85 -15.38 1.36
CA ALA A 137 -15.47 -16.56 2.12
C ALA A 137 -16.05 -16.48 3.56
N PRO A 138 -16.51 -17.60 4.11
CA PRO A 138 -17.10 -17.61 5.46
C PRO A 138 -16.22 -16.98 6.53
N LEU A 139 -14.91 -17.19 6.48
CA LEU A 139 -13.97 -16.60 7.44
C LEU A 139 -13.12 -15.50 6.80
N ALA A 140 -13.70 -14.77 5.84
CA ALA A 140 -12.97 -13.77 5.07
C ALA A 140 -12.23 -12.79 5.98
N GLU A 141 -12.95 -12.27 6.96
CA GLU A 141 -12.42 -11.25 7.85
C GLU A 141 -11.25 -11.75 8.68
N GLU A 142 -11.45 -12.89 9.36
CA GLU A 142 -10.39 -13.52 10.15
C GLU A 142 -9.13 -13.79 9.32
N TRP A 143 -9.31 -14.37 8.12
CA TRP A 143 -8.17 -14.67 7.24
C TRP A 143 -7.51 -13.41 6.64
N ASP A 144 -8.30 -12.37 6.41
CA ASP A 144 -7.76 -11.16 5.80
C ASP A 144 -6.98 -10.30 6.82
N ASN A 145 -7.26 -10.53 8.09
CA ASN A 145 -6.66 -9.72 9.18
C ASN A 145 -5.36 -10.34 9.71
N MET A 146 -4.89 -11.37 8.99
CA MET A 146 -3.67 -12.11 9.28
C MET A 146 -2.73 -11.98 8.10
N THR A 147 -1.43 -11.94 8.34
CA THR A 147 -0.46 -12.09 7.25
C THR A 147 -0.24 -13.57 7.00
N MET A 148 0.36 -13.88 5.85
CA MET A 148 0.79 -15.24 5.58
C MET A 148 1.83 -15.71 6.60
N LYS A 149 2.63 -14.77 7.12
CA LYS A 149 3.62 -15.14 8.14
C LYS A 149 2.93 -15.71 9.37
N GLU A 150 1.85 -15.05 9.82
CA GLU A 150 1.09 -15.52 10.98
C GLU A 150 0.47 -16.88 10.73
N LEU A 151 -0.13 -17.04 9.54
CA LEU A 151 -0.73 -18.31 9.17
C LEU A 151 0.28 -19.45 9.19
N LEU A 152 1.45 -19.24 8.59
CA LEU A 152 2.51 -20.24 8.57
C LEU A 152 3.01 -20.57 9.98
N ASP A 153 3.12 -19.56 10.85
CA ASP A 153 3.57 -19.78 12.23
C ASP A 153 2.63 -20.75 12.99
N LYS A 154 1.33 -20.66 12.73
CA LYS A 154 0.35 -21.53 13.36
C LYS A 154 0.27 -22.92 12.69
N LEU A 155 0.40 -22.94 11.38
CA LEU A 155 0.22 -24.17 10.60
C LEU A 155 1.43 -25.11 10.59
N CYS A 156 2.64 -24.55 10.55
CA CYS A 156 3.85 -25.33 10.36
C CYS A 156 4.49 -25.66 11.69
N TRP A 157 4.53 -26.95 12.01
CA TRP A 157 5.07 -27.43 13.27
C TRP A 157 6.56 -27.76 13.21
N THR A 158 7.13 -27.77 12.00
CA THR A 158 8.58 -27.97 11.79
C THR A 158 9.17 -26.77 11.07
N GLU A 159 10.44 -26.46 11.35
CA GLU A 159 11.17 -25.42 10.61
C GLU A 159 11.24 -25.77 9.11
N SER A 160 11.38 -27.05 8.82
CA SER A 160 11.49 -27.52 7.43
C SER A 160 10.28 -27.12 6.59
N ALA A 161 9.08 -27.38 7.10
CA ALA A 161 7.86 -27.00 6.39
C ALA A 161 7.72 -25.49 6.28
N LYS A 162 7.97 -24.77 7.37
CA LYS A 162 7.89 -23.31 7.37
C LYS A 162 8.83 -22.66 6.35
N GLN A 163 10.05 -23.21 6.23
CA GLN A 163 11.05 -22.68 5.30
C GLN A 163 10.63 -22.90 3.85
N LEU A 164 10.10 -24.08 3.56
CA LEU A 164 9.64 -24.38 2.21
C LEU A 164 8.40 -23.54 1.88
N ALA A 165 7.49 -23.44 2.84
CA ALA A 165 6.26 -22.65 2.70
C ALA A 165 6.57 -21.18 2.42
N THR A 166 7.54 -20.62 3.15
CA THR A 166 8.01 -19.25 2.97
C THR A 166 8.53 -19.03 1.57
N LEU A 167 9.40 -19.94 1.11
CA LEU A 167 9.92 -19.90 -0.25
C LEU A 167 8.78 -19.87 -1.28
N PHE A 168 7.80 -20.75 -1.08
CA PHE A 168 6.60 -20.86 -1.94
C PHE A 168 5.88 -19.53 -2.09
N VAL A 169 5.66 -18.85 -0.97
CA VAL A 169 5.02 -17.54 -0.99
C VAL A 169 5.89 -16.51 -1.75
N ASN A 170 7.17 -16.38 -1.36
CA ASN A 170 8.11 -15.45 -2.00
C ASN A 170 8.12 -15.61 -3.53
N LEU A 171 8.17 -16.87 -3.97
CA LEU A 171 8.17 -17.19 -5.39
C LEU A 171 6.84 -16.98 -6.12
N CYS A 172 5.73 -17.27 -5.45
CA CYS A 172 4.41 -17.15 -6.09
C CYS A 172 4.03 -15.69 -6.34
N VAL A 173 4.37 -14.83 -5.38
CA VAL A 173 3.86 -13.45 -5.37
C VAL A 173 4.94 -12.35 -5.13
N THR A 174 6.21 -12.73 -5.23
CA THR A 174 7.38 -11.82 -5.11
C THR A 174 7.28 -10.81 -3.95
N ALA A 175 6.83 -11.34 -2.82
CA ALA A 175 6.61 -10.55 -1.63
C ALA A 175 6.92 -11.42 -0.43
N GLU A 176 7.19 -10.77 0.71
CA GLU A 176 7.49 -11.47 1.94
C GLU A 176 6.21 -11.96 2.60
N THR A 177 6.32 -13.00 3.42
CA THR A 177 5.13 -13.58 4.05
C THR A 177 4.44 -12.59 4.97
N HIS A 178 5.24 -11.76 5.64
CA HIS A 178 4.68 -10.73 6.53
C HIS A 178 4.07 -9.53 5.79
N GLU A 179 4.22 -9.46 4.45
CA GLU A 179 3.73 -8.32 3.69
C GLU A 179 2.30 -8.51 3.20
N VAL A 180 1.90 -9.76 3.05
CA VAL A 180 0.67 -10.11 2.35
C VAL A 180 -0.43 -10.73 3.23
N SER A 181 -1.68 -10.37 2.93
CA SER A 181 -2.86 -10.99 3.54
C SER A 181 -2.93 -12.51 3.32
N ALA A 182 -3.24 -13.25 4.37
CA ALA A 182 -3.48 -14.69 4.25
C ALA A 182 -4.67 -14.98 3.34
N LEU A 183 -5.77 -14.24 3.49
CA LEU A 183 -6.94 -14.42 2.58
C LEU A 183 -6.59 -14.21 1.12
N TRP A 184 -5.92 -13.09 0.81
CA TRP A 184 -5.53 -12.80 -0.58
C TRP A 184 -4.63 -13.89 -1.17
N PHE A 185 -3.62 -14.33 -0.41
CA PHE A 185 -2.72 -15.36 -0.90
C PHE A 185 -3.43 -16.72 -1.16
N LEU A 186 -4.29 -17.13 -0.22
CA LEU A 186 -5.14 -18.32 -0.39
C LEU A 186 -6.06 -18.20 -1.60
N TRP A 187 -6.63 -17.03 -1.82
CA TRP A 187 -7.39 -16.78 -3.04
C TRP A 187 -6.50 -16.92 -4.26
N TYR A 188 -5.34 -16.27 -4.22
CA TYR A 188 -4.42 -16.27 -5.36
C TYR A 188 -4.09 -17.69 -5.83
N VAL A 189 -3.75 -18.56 -4.89
CA VAL A 189 -3.41 -19.95 -5.22
C VAL A 189 -4.64 -20.72 -5.75
N LYS A 190 -5.77 -20.57 -5.07
CA LYS A 190 -7.00 -21.26 -5.46
C LYS A 190 -7.44 -20.90 -6.88
N GLN A 191 -7.35 -19.61 -7.22
CA GLN A 191 -7.82 -19.16 -8.54
C GLN A 191 -6.86 -19.54 -9.68
N CYS A 192 -5.70 -20.12 -9.34
CA CYS A 192 -4.84 -20.75 -10.36
C CYS A 192 -5.08 -22.26 -10.47
N GLY A 193 -6.03 -22.77 -9.69
CA GLY A 193 -6.32 -24.20 -9.65
C GLY A 193 -5.66 -24.96 -8.50
N GLY A 194 -5.05 -24.24 -7.54
CA GLY A 194 -4.47 -24.91 -6.39
C GLY A 194 -2.95 -25.12 -6.40
N THR A 195 -2.42 -25.70 -5.31
CA THR A 195 -0.98 -25.80 -5.11
C THR A 195 -0.26 -26.58 -6.18
N THR A 196 -0.73 -27.78 -6.48
CA THR A 196 -0.10 -28.61 -7.51
C THR A 196 -0.01 -27.89 -8.84
N ARG A 197 -1.13 -27.33 -9.29
CA ARG A 197 -1.16 -26.63 -10.58
C ARG A 197 -0.20 -25.43 -10.62
N ILE A 198 -0.18 -24.64 -9.53
CA ILE A 198 0.64 -23.44 -9.55
C ILE A 198 2.15 -23.71 -9.48
N ILE A 199 2.58 -24.79 -8.81
CA ILE A 199 4.00 -25.07 -8.62
C ILE A 199 4.61 -25.94 -9.70
N SER A 200 3.77 -26.55 -10.52
CA SER A 200 4.26 -27.57 -11.45
C SER A 200 4.77 -26.99 -12.76
N THR A 201 5.80 -27.64 -13.29
CA THR A 201 6.30 -27.35 -14.61
C THR A 201 5.48 -28.32 -15.49
N THR A 202 5.87 -29.59 -15.57
CA THR A 202 5.02 -30.59 -16.24
C THR A 202 3.61 -30.56 -15.62
N ASN A 203 2.58 -30.41 -16.45
CA ASN A 203 1.17 -30.31 -16.03
C ASN A 203 0.78 -29.11 -15.15
N GLY A 204 1.61 -28.07 -15.17
CA GLY A 204 1.32 -26.84 -14.45
C GLY A 204 1.63 -25.54 -15.18
N GLY A 205 1.66 -24.47 -14.41
CA GLY A 205 1.83 -23.12 -14.93
C GLY A 205 3.14 -22.84 -15.63
N GLN A 206 4.19 -23.64 -15.35
CA GLN A 206 5.48 -23.41 -16.00
C GLN A 206 5.80 -24.43 -17.12
N GLU A 207 4.78 -25.10 -17.64
CA GLU A 207 5.02 -26.16 -18.64
C GLU A 207 5.71 -25.68 -19.90
N ARG A 208 5.33 -24.51 -20.38
CA ARG A 208 5.72 -24.07 -21.73
C ARG A 208 6.13 -22.61 -21.85
N LYS A 209 6.78 -22.29 -22.96
CA LYS A 209 7.07 -20.92 -23.36
C LYS A 209 6.71 -20.78 -24.83
N PHE A 210 6.58 -19.55 -25.28
CA PHE A 210 6.34 -19.30 -26.70
C PHE A 210 7.64 -19.29 -27.48
N VAL A 211 7.64 -19.98 -28.62
CA VAL A 211 8.74 -19.87 -29.57
C VAL A 211 8.82 -18.42 -30.05
N GLY A 212 9.97 -17.80 -29.86
CA GLY A 212 10.21 -16.42 -30.28
C GLY A 212 9.89 -15.37 -29.22
N GLY A 213 9.38 -15.79 -28.06
CA GLY A 213 9.05 -14.87 -26.99
C GLY A 213 7.57 -14.47 -26.89
N SER A 214 7.12 -14.18 -25.66
CA SER A 214 5.74 -13.80 -25.38
C SER A 214 5.40 -12.38 -25.82
N GLY A 215 6.43 -11.55 -26.01
CA GLY A 215 6.25 -10.18 -26.45
C GLY A 215 5.58 -10.11 -27.82
N GLN A 216 5.65 -11.22 -28.57
CA GLN A 216 5.02 -11.30 -29.89
C GLN A 216 3.49 -11.24 -29.83
N VAL A 217 2.91 -11.63 -28.69
CA VAL A 217 1.45 -11.53 -28.52
C VAL A 217 1.00 -10.08 -28.69
N SER A 218 1.57 -9.18 -27.88
CA SER A 218 1.25 -7.76 -27.98
C SER A 218 1.68 -7.12 -29.31
N GLU A 219 2.88 -7.47 -29.80
CA GLU A 219 3.40 -6.92 -31.05
C GLU A 219 2.50 -7.26 -32.25
N ARG A 220 2.04 -8.50 -32.30
CA ARG A 220 1.25 -8.97 -33.46
C ARG A 220 -0.16 -8.41 -33.47
N ILE A 221 -0.70 -8.15 -32.27
CA ILE A 221 -1.95 -7.41 -32.17
C ILE A 221 -1.75 -5.96 -32.63
N MET A 222 -0.63 -5.35 -32.25
CA MET A 222 -0.31 -4.00 -32.72
C MET A 222 -0.24 -3.96 -34.24
N ASP A 223 0.36 -5.00 -34.85
CA ASP A 223 0.43 -5.13 -36.30
C ASP A 223 -0.95 -5.14 -36.92
N LEU A 224 -1.88 -5.86 -36.31
CA LEU A 224 -3.27 -5.90 -36.77
C LEU A 224 -3.98 -4.55 -36.65
N LEU A 225 -3.71 -3.82 -35.56
CA LEU A 225 -4.41 -2.57 -35.28
C LEU A 225 -3.86 -1.36 -36.05
N GLY A 226 -2.61 -1.47 -36.54
CA GLY A 226 -1.94 -0.40 -37.27
C GLY A 226 -1.77 0.86 -36.44
N ASP A 227 -2.09 2.00 -37.05
CA ASP A 227 -1.89 3.30 -36.40
C ASP A 227 -2.88 3.60 -35.27
N ARG A 228 -3.75 2.63 -34.94
CA ARG A 228 -4.66 2.77 -33.81
C ARG A 228 -3.92 2.70 -32.47
N VAL A 229 -2.74 2.09 -32.47
CA VAL A 229 -1.87 2.07 -31.28
C VAL A 229 -0.95 3.29 -31.29
N LYS A 230 -1.05 4.10 -30.24
CA LYS A 230 -0.23 5.30 -30.10
C LYS A 230 0.80 5.09 -29.01
N LEU A 231 2.07 5.03 -29.41
CA LEU A 231 3.18 4.84 -28.48
C LEU A 231 3.68 6.17 -27.93
N GLU A 232 4.25 6.11 -26.73
CA GLU A 232 4.70 7.31 -25.99
C GLU A 232 3.56 8.30 -25.78
N ARG A 233 2.41 7.76 -25.42
CA ARG A 233 1.23 8.54 -25.03
C ARG A 233 0.76 8.18 -23.63
N PRO A 234 1.52 8.55 -22.59
CA PRO A 234 1.05 8.34 -21.22
C PRO A 234 -0.19 9.17 -20.96
N VAL A 235 -1.25 8.53 -20.46
CA VAL A 235 -2.48 9.21 -20.09
C VAL A 235 -2.29 9.92 -18.74
N ILE A 236 -2.70 11.19 -18.71
CA ILE A 236 -2.55 12.04 -17.52
C ILE A 236 -3.88 12.52 -16.93
N TYR A 237 -4.95 12.42 -17.71
CA TYR A 237 -6.23 13.07 -17.39
C TYR A 237 -7.40 12.40 -18.09
N ILE A 238 -8.45 12.10 -17.33
CA ILE A 238 -9.69 11.58 -17.87
C ILE A 238 -10.87 12.40 -17.32
N ASP A 239 -11.64 12.94 -18.26
CA ASP A 239 -12.76 13.84 -17.93
C ASP A 239 -14.08 13.20 -18.38
N GLN A 240 -14.97 12.99 -17.42
CA GLN A 240 -16.26 12.35 -17.70
C GLN A 240 -17.47 13.25 -17.46
N THR A 241 -17.26 14.57 -17.43
CA THR A 241 -18.33 15.52 -17.10
C THR A 241 -19.28 15.78 -18.27
N ARG A 242 -18.81 15.53 -19.50
CA ARG A 242 -19.58 15.84 -20.71
C ARG A 242 -20.07 14.60 -21.44
N GLU A 243 -20.81 14.83 -22.54
CA GLU A 243 -21.41 13.79 -23.37
C GLU A 243 -20.45 12.66 -23.73
N ASN A 244 -19.29 13.04 -24.27
CA ASN A 244 -18.23 12.09 -24.61
C ASN A 244 -17.09 12.19 -23.58
N VAL A 245 -16.47 11.06 -23.28
CA VAL A 245 -15.33 11.01 -22.38
C VAL A 245 -14.10 11.63 -23.06
N LEU A 246 -13.39 12.48 -22.32
CA LEU A 246 -12.17 13.12 -22.82
C LEU A 246 -10.94 12.54 -22.13
N VAL A 247 -10.00 12.06 -22.94
CA VAL A 247 -8.75 11.47 -22.46
C VAL A 247 -7.58 12.26 -23.01
N GLU A 248 -6.75 12.79 -22.10
CA GLU A 248 -5.59 13.58 -22.48
C GLU A 248 -4.27 12.90 -22.14
N THR A 249 -3.28 13.07 -23.01
CA THR A 249 -1.96 12.48 -22.79
C THR A 249 -0.91 13.52 -22.40
N LEU A 250 0.23 13.02 -21.93
CA LEU A 250 1.34 13.89 -21.49
C LEU A 250 1.81 14.88 -22.57
N ASN A 251 1.76 14.46 -23.84
CA ASN A 251 2.08 15.37 -24.95
C ASN A 251 0.94 16.34 -25.36
N HIS A 252 -0.11 16.40 -24.54
CA HIS A 252 -1.27 17.30 -24.73
C HIS A 252 -2.27 16.88 -25.82
N GLU A 253 -2.03 15.74 -26.46
CA GLU A 253 -3.01 15.20 -27.40
C GLU A 253 -4.33 14.89 -26.68
N MET A 254 -5.45 15.05 -27.39
CA MET A 254 -6.77 14.88 -26.81
C MET A 254 -7.54 13.81 -27.56
N TYR A 255 -8.13 12.88 -26.83
CA TYR A 255 -8.90 11.79 -27.42
C TYR A 255 -10.31 11.79 -26.86
N GLU A 256 -11.29 11.63 -27.74
CA GLU A 256 -12.70 11.63 -27.35
C GLU A 256 -13.31 10.25 -27.62
N ALA A 257 -14.04 9.72 -26.64
CA ALA A 257 -14.62 8.37 -26.77
C ALA A 257 -15.95 8.21 -26.03
N LYS A 258 -16.69 7.16 -26.39
CA LYS A 258 -17.94 6.82 -25.70
C LYS A 258 -17.61 6.14 -24.37
N TYR A 259 -16.58 5.28 -24.39
CA TYR A 259 -16.18 4.50 -23.22
C TYR A 259 -14.65 4.43 -23.12
N VAL A 260 -14.16 4.08 -21.92
CA VAL A 260 -12.74 3.87 -21.70
C VAL A 260 -12.50 2.52 -21.01
N ILE A 261 -11.45 1.82 -21.44
CA ILE A 261 -10.95 0.65 -20.71
C ILE A 261 -9.61 1.04 -20.08
N SER A 262 -9.55 0.98 -18.75
CA SER A 262 -8.29 1.10 -18.04
C SER A 262 -7.63 -0.27 -17.95
N ALA A 263 -6.52 -0.46 -18.66
CA ALA A 263 -5.86 -1.77 -18.70
C ALA A 263 -4.45 -1.71 -18.09
N ILE A 264 -4.33 -1.02 -16.96
CA ILE A 264 -3.05 -0.80 -16.30
C ILE A 264 -3.15 -1.36 -14.86
N PRO A 265 -2.02 -1.69 -14.25
CA PRO A 265 -2.02 -2.08 -12.82
C PRO A 265 -2.85 -1.10 -12.00
N PRO A 266 -3.71 -1.58 -11.09
CA PRO A 266 -4.61 -0.71 -10.33
C PRO A 266 -3.94 0.51 -9.71
N THR A 267 -2.80 0.33 -9.04
CA THR A 267 -2.14 1.49 -8.41
C THR A 267 -1.65 2.54 -9.41
N LEU A 268 -1.40 2.13 -10.66
CA LEU A 268 -0.95 3.08 -11.67
C LEU A 268 -2.05 4.03 -12.16
N GLY A 269 -3.30 3.73 -11.79
CA GLY A 269 -4.39 4.68 -11.94
C GLY A 269 -4.15 5.99 -11.20
N MET A 270 -3.25 5.95 -10.21
CA MET A 270 -2.84 7.15 -9.48
C MET A 270 -2.15 8.18 -10.38
N LYS A 271 -1.57 7.73 -11.50
CA LYS A 271 -0.89 8.63 -12.43
C LYS A 271 -1.86 9.45 -13.27
N ILE A 272 -3.15 9.18 -13.13
CA ILE A 272 -4.18 9.88 -13.90
C ILE A 272 -4.97 10.78 -12.96
N HIS A 273 -5.16 12.02 -13.39
CA HIS A 273 -6.00 12.96 -12.66
C HIS A 273 -7.44 12.82 -13.19
N PHE A 274 -8.39 12.64 -12.28
CA PHE A 274 -9.77 12.35 -12.68
C PHE A 274 -10.72 13.53 -12.45
N ASN A 275 -11.60 13.74 -13.42
CA ASN A 275 -12.69 14.71 -13.32
C ASN A 275 -13.97 14.06 -13.84
N PRO A 276 -14.98 13.87 -12.98
CA PRO A 276 -14.93 14.27 -11.57
C PRO A 276 -14.00 13.33 -10.77
N PRO A 277 -13.69 13.65 -9.52
CA PRO A 277 -12.86 12.75 -8.71
C PRO A 277 -13.46 11.34 -8.63
N LEU A 278 -12.59 10.34 -8.52
CA LEU A 278 -13.03 8.96 -8.32
C LEU A 278 -13.90 8.86 -7.07
N PRO A 279 -14.83 7.90 -7.04
CA PRO A 279 -15.59 7.61 -5.80
C PRO A 279 -14.61 7.22 -4.70
N MET A 280 -15.02 7.47 -3.46
CA MET A 280 -14.13 7.32 -2.31
C MET A 280 -13.43 5.95 -2.22
N MET A 281 -14.15 4.86 -2.45
CA MET A 281 -13.55 3.55 -2.28
C MET A 281 -12.44 3.26 -3.29
N ARG A 282 -12.63 3.61 -4.57
CA ARG A 282 -11.54 3.46 -5.54
C ARG A 282 -10.39 4.45 -5.29
N ASN A 283 -10.74 5.70 -4.96
CA ASN A 283 -9.74 6.71 -4.61
C ASN A 283 -8.71 6.16 -3.60
N GLN A 284 -9.22 5.51 -2.56
CA GLN A 284 -8.32 4.95 -1.54
C GLN A 284 -7.73 3.59 -1.93
N MET A 285 -8.51 2.77 -2.63
CA MET A 285 -8.03 1.44 -3.04
C MET A 285 -6.70 1.53 -3.80
N ILE A 286 -6.60 2.48 -4.74
CA ILE A 286 -5.44 2.56 -5.64
C ILE A 286 -4.15 3.02 -4.96
N THR A 287 -4.22 3.36 -3.67
CA THR A 287 -3.05 3.67 -2.84
C THR A 287 -2.68 2.50 -1.93
N ARG A 288 -3.45 1.42 -2.02
CA ARG A 288 -3.32 0.31 -1.06
C ARG A 288 -2.82 -0.99 -1.68
N VAL A 289 -2.46 -0.96 -2.96
CA VAL A 289 -2.23 -2.20 -3.72
C VAL A 289 -0.89 -2.19 -4.52
N PRO A 290 0.23 -2.41 -3.83
CA PRO A 290 1.54 -2.41 -4.47
C PRO A 290 1.79 -3.65 -5.32
N LEU A 291 2.81 -3.57 -6.17
CA LEU A 291 3.29 -4.74 -6.90
C LEU A 291 4.55 -5.28 -6.24
N GLY A 292 4.82 -6.57 -6.41
CA GLY A 292 5.99 -7.20 -5.86
C GLY A 292 7.32 -6.77 -6.44
N SER A 293 8.39 -7.40 -5.96
CA SER A 293 9.76 -7.03 -6.31
C SER A 293 10.52 -8.23 -6.84
N VAL A 294 11.06 -8.06 -8.04
CA VAL A 294 11.83 -9.14 -8.66
C VAL A 294 12.86 -8.62 -9.67
N ILE A 295 14.01 -9.29 -9.72
CA ILE A 295 14.93 -9.19 -10.85
C ILE A 295 14.97 -10.55 -11.56
N LYS A 296 14.67 -10.55 -12.85
CA LYS A 296 14.80 -11.74 -13.67
C LYS A 296 16.19 -11.76 -14.30
N CYS A 297 16.94 -12.84 -14.06
CA CYS A 297 18.33 -12.95 -14.49
C CYS A 297 18.54 -14.20 -15.33
N ILE A 298 19.17 -14.07 -16.49
CA ILE A 298 19.47 -15.22 -17.35
C ILE A 298 20.98 -15.32 -17.63
N VAL A 299 21.60 -16.40 -17.16
CA VAL A 299 23.02 -16.67 -17.36
C VAL A 299 23.20 -17.69 -18.49
N TYR A 300 24.02 -17.32 -19.47
CA TYR A 300 24.25 -18.14 -20.67
C TYR A 300 25.55 -18.94 -20.55
N TYR A 301 25.53 -20.14 -21.13
CA TYR A 301 26.65 -21.06 -21.09
C TYR A 301 26.88 -21.68 -22.47
N LYS A 302 28.06 -22.25 -22.69
CA LYS A 302 28.38 -22.92 -23.94
C LYS A 302 27.48 -24.14 -24.21
N GLU A 303 27.21 -24.92 -23.16
CA GLU A 303 26.32 -26.09 -23.26
C GLU A 303 25.42 -26.17 -22.04
N PRO A 304 24.30 -26.90 -22.13
CA PRO A 304 23.46 -27.16 -20.94
C PRO A 304 24.07 -28.27 -20.09
N PHE A 305 25.24 -27.96 -19.53
CA PHE A 305 26.10 -28.93 -18.84
C PHE A 305 25.40 -29.69 -17.70
N TRP A 306 24.43 -29.05 -17.06
CA TRP A 306 23.66 -29.69 -15.97
C TRP A 306 22.95 -31.00 -16.40
N ARG A 307 22.51 -31.08 -17.65
CA ARG A 307 21.84 -32.27 -18.14
C ARG A 307 22.73 -33.52 -18.06
N LYS A 308 24.04 -33.33 -18.27
CA LYS A 308 24.99 -34.46 -18.25
C LYS A 308 25.13 -35.07 -16.86
N LYS A 309 24.79 -34.29 -15.82
CA LYS A 309 24.74 -34.78 -14.44
C LYS A 309 23.35 -35.24 -14.01
N ASP A 310 22.46 -35.39 -14.98
CA ASP A 310 21.06 -35.79 -14.76
C ASP A 310 20.30 -34.76 -13.91
N TYR A 311 20.60 -33.47 -14.13
CA TYR A 311 19.82 -32.35 -13.59
C TYR A 311 19.10 -31.60 -14.70
N CYS A 312 17.81 -31.28 -14.50
CA CYS A 312 17.06 -30.59 -15.56
C CYS A 312 17.34 -29.09 -15.61
N GLY A 313 17.79 -28.52 -14.49
CA GLY A 313 18.10 -27.10 -14.43
C GLY A 313 17.23 -26.38 -13.42
N THR A 314 16.24 -27.11 -12.89
CA THR A 314 15.34 -26.58 -11.88
C THR A 314 16.04 -26.69 -10.56
N MET A 315 16.13 -25.58 -9.85
CA MET A 315 16.74 -25.55 -8.53
C MET A 315 15.77 -24.80 -7.62
N ILE A 316 15.49 -25.37 -6.45
CA ILE A 316 14.70 -24.72 -5.43
C ILE A 316 15.64 -24.50 -4.27
N ILE A 317 15.97 -23.24 -4.00
CA ILE A 317 17.13 -22.92 -3.16
C ILE A 317 16.72 -22.16 -1.91
N ASP A 318 16.85 -22.83 -0.77
CA ASP A 318 16.47 -22.33 0.54
C ASP A 318 17.61 -21.52 1.15
N GLY A 319 17.30 -20.47 1.88
CA GLY A 319 18.32 -19.82 2.67
C GLY A 319 18.56 -18.35 2.32
N GLU A 320 18.85 -17.57 3.36
CA GLU A 320 19.04 -16.13 3.24
C GLU A 320 20.23 -15.76 2.34
N GLU A 321 21.27 -16.57 2.39
CA GLU A 321 22.51 -16.29 1.68
C GLU A 321 22.38 -16.37 0.15
N ALA A 322 21.52 -17.26 -0.33
CA ALA A 322 21.34 -17.45 -1.77
C ALA A 322 20.64 -16.23 -2.40
N PRO A 323 21.26 -15.59 -3.39
CA PRO A 323 20.61 -14.48 -4.11
C PRO A 323 19.36 -14.92 -4.89
N VAL A 324 19.39 -16.12 -5.45
CA VAL A 324 18.27 -16.67 -6.24
C VAL A 324 17.65 -17.85 -5.51
N ALA A 325 16.31 -17.86 -5.42
CA ALA A 325 15.59 -18.96 -4.75
C ALA A 325 15.00 -19.97 -5.73
N TYR A 326 14.94 -19.62 -7.01
CA TYR A 326 14.37 -20.55 -7.99
C TYR A 326 14.93 -20.35 -9.37
N THR A 327 15.20 -21.46 -10.06
CA THR A 327 15.71 -21.43 -11.44
C THR A 327 14.96 -22.43 -12.30
N LEU A 328 15.00 -22.16 -13.61
CA LEU A 328 14.60 -23.12 -14.64
C LEU A 328 15.59 -23.08 -15.81
N ASP A 329 15.75 -24.22 -16.47
CA ASP A 329 16.43 -24.29 -17.75
C ASP A 329 15.77 -23.33 -18.76
N ASP A 330 16.56 -22.41 -19.32
CA ASP A 330 16.05 -21.46 -20.33
C ASP A 330 16.66 -21.70 -21.72
N THR A 331 17.29 -22.85 -21.89
CA THR A 331 17.85 -23.28 -23.17
C THR A 331 16.77 -23.31 -24.27
N LYS A 332 17.15 -22.91 -25.48
CA LYS A 332 16.23 -22.98 -26.63
C LYS A 332 15.82 -24.42 -26.92
N PRO A 333 14.64 -24.63 -27.52
CA PRO A 333 14.16 -25.99 -27.82
C PRO A 333 15.09 -26.75 -28.75
N GLU A 334 15.84 -26.02 -29.57
CA GLU A 334 16.85 -26.60 -30.45
C GLU A 334 18.08 -27.13 -29.68
N GLY A 335 18.23 -26.69 -28.42
CA GLY A 335 19.32 -27.17 -27.58
C GLY A 335 20.52 -26.25 -27.56
N ASN A 336 20.42 -25.12 -28.25
CA ASN A 336 21.46 -24.08 -28.22
C ASN A 336 21.05 -22.87 -27.36
N TYR A 337 21.97 -21.91 -27.25
CA TYR A 337 21.84 -20.77 -26.33
C TYR A 337 21.53 -21.28 -24.92
N ALA A 338 22.29 -22.30 -24.51
CA ALA A 338 22.15 -22.90 -23.19
C ALA A 338 22.10 -21.80 -22.13
N ALA A 339 21.13 -21.92 -21.22
CA ALA A 339 20.93 -20.88 -20.22
C ALA A 339 20.15 -21.33 -18.98
N ILE A 340 20.45 -20.66 -17.85
CA ILE A 340 19.67 -20.80 -16.63
C ILE A 340 18.95 -19.48 -16.34
N MET A 341 17.63 -19.53 -16.21
CA MET A 341 16.82 -18.40 -15.73
C MET A 341 16.65 -18.52 -14.22
N GLY A 342 16.80 -17.41 -13.50
CA GLY A 342 16.57 -17.38 -12.06
C GLY A 342 15.95 -16.06 -11.60
N PHE A 343 15.24 -16.10 -10.48
CA PHE A 343 14.59 -14.92 -9.93
C PHE A 343 15.27 -14.50 -8.62
N ILE A 344 15.55 -13.21 -8.48
CA ILE A 344 15.97 -12.62 -7.20
C ILE A 344 14.71 -11.98 -6.62
N LEU A 345 14.27 -12.43 -5.46
CA LEU A 345 12.90 -12.18 -5.00
C LEU A 345 12.76 -11.26 -3.79
N ALA A 346 11.73 -10.42 -3.82
CA ALA A 346 11.27 -9.64 -2.65
C ALA A 346 12.41 -8.84 -2.02
N HIS A 347 12.73 -9.05 -0.73
CA HIS A 347 13.76 -8.21 -0.12
C HIS A 347 15.16 -8.36 -0.75
N LYS A 348 15.46 -9.52 -1.32
CA LYS A 348 16.75 -9.71 -2.01
C LYS A 348 16.83 -8.86 -3.29
N ALA A 349 15.70 -8.64 -3.94
CA ALA A 349 15.68 -7.76 -5.11
C ALA A 349 16.09 -6.34 -4.67
N ARG A 350 15.56 -5.90 -3.54
CA ARG A 350 15.91 -4.60 -2.95
C ARG A 350 17.39 -4.52 -2.55
N LYS A 351 17.87 -5.53 -1.81
CA LYS A 351 19.24 -5.57 -1.33
C LYS A 351 20.29 -5.60 -2.46
N LEU A 352 20.11 -6.50 -3.44
CA LEU A 352 21.11 -6.75 -4.47
C LEU A 352 21.08 -5.80 -5.68
N ALA A 353 20.02 -4.99 -5.79
CA ALA A 353 19.96 -3.96 -6.82
C ALA A 353 21.08 -2.91 -6.68
N ARG A 354 21.64 -2.80 -5.48
CA ARG A 354 22.76 -1.91 -5.17
C ARG A 354 24.05 -2.28 -5.92
N LEU A 355 24.20 -3.56 -6.24
CA LEU A 355 25.38 -4.07 -6.91
C LEU A 355 25.41 -3.70 -8.39
N THR A 356 26.55 -3.91 -9.04
CA THR A 356 26.63 -3.81 -10.49
C THR A 356 26.13 -5.09 -11.12
N LYS A 357 25.79 -5.00 -12.40
CA LYS A 357 25.43 -6.15 -13.21
C LYS A 357 26.49 -7.25 -13.11
N GLU A 358 27.76 -6.87 -13.19
CA GLU A 358 28.88 -7.83 -13.14
C GLU A 358 28.99 -8.50 -11.77
N GLU A 359 28.77 -7.74 -10.70
CA GLU A 359 28.75 -8.30 -9.34
C GLU A 359 27.61 -9.30 -9.14
N ARG A 360 26.43 -9.00 -9.70
CA ARG A 360 25.30 -9.92 -9.61
C ARG A 360 25.56 -11.22 -10.39
N LEU A 361 26.10 -11.08 -11.61
CA LEU A 361 26.49 -12.25 -12.41
C LEU A 361 27.45 -13.17 -11.63
N LYS A 362 28.42 -12.56 -10.95
CA LYS A 362 29.39 -13.33 -10.15
C LYS A 362 28.73 -14.10 -9.00
N LYS A 363 27.85 -13.44 -8.26
CA LYS A 363 27.15 -14.09 -7.14
C LYS A 363 26.26 -15.25 -7.63
N LEU A 364 25.63 -15.09 -8.79
CA LEU A 364 24.78 -16.14 -9.36
C LEU A 364 25.58 -17.36 -9.81
N CYS A 365 26.66 -17.10 -10.54
CA CYS A 365 27.53 -18.18 -11.02
C CYS A 365 28.08 -18.99 -9.85
N GLU A 366 28.48 -18.30 -8.79
CA GLU A 366 29.04 -18.96 -7.61
C GLU A 366 27.98 -19.80 -6.87
N LEU A 367 26.75 -19.28 -6.82
CA LEU A 367 25.61 -20.03 -6.29
C LEU A 367 25.33 -21.28 -7.12
N TYR A 368 25.21 -21.10 -8.44
CA TYR A 368 24.90 -22.23 -9.32
C TYR A 368 26.00 -23.31 -9.28
N ALA A 369 27.26 -22.89 -9.22
CA ALA A 369 28.37 -23.85 -9.10
C ALA A 369 28.22 -24.75 -7.87
N LYS A 370 27.86 -24.12 -6.75
CA LYS A 370 27.59 -24.84 -5.51
C LYS A 370 26.40 -25.82 -5.65
N VAL A 371 25.26 -25.29 -6.07
CA VAL A 371 24.02 -26.07 -6.10
C VAL A 371 24.14 -27.25 -7.07
N LEU A 372 24.74 -27.00 -8.24
CA LEU A 372 24.86 -28.02 -9.30
C LEU A 372 26.13 -28.89 -9.12
N GLY A 373 26.98 -28.52 -8.17
CA GLY A 373 28.26 -29.19 -7.96
C GLY A 373 29.16 -29.14 -9.17
N SER A 374 29.14 -28.02 -9.89
CA SER A 374 29.80 -27.93 -11.18
C SER A 374 30.62 -26.66 -11.33
N LEU A 375 31.93 -26.83 -11.49
CA LEU A 375 32.80 -25.71 -11.84
C LEU A 375 32.45 -25.01 -13.17
N GLU A 376 31.80 -25.73 -14.10
CA GLU A 376 31.41 -25.15 -15.40
C GLU A 376 30.48 -23.93 -15.23
N ALA A 377 29.76 -23.89 -14.12
CA ALA A 377 28.86 -22.78 -13.83
C ALA A 377 29.59 -21.43 -13.67
N LEU A 378 30.89 -21.50 -13.45
CA LEU A 378 31.72 -20.30 -13.25
C LEU A 378 32.22 -19.73 -14.57
N GLU A 379 31.74 -20.30 -15.68
CA GLU A 379 32.19 -19.89 -17.01
C GLU A 379 31.07 -19.39 -17.93
N PRO A 380 30.35 -18.33 -17.53
CA PRO A 380 29.25 -17.82 -18.36
C PRO A 380 29.79 -17.20 -19.65
N VAL A 381 29.01 -17.30 -20.73
CA VAL A 381 29.38 -16.69 -22.01
C VAL A 381 28.65 -15.36 -22.23
N HIS A 382 27.55 -15.17 -21.50
CA HIS A 382 26.70 -13.97 -21.63
C HIS A 382 25.76 -13.87 -20.43
N TYR A 383 25.23 -12.67 -20.19
CA TYR A 383 24.27 -12.41 -19.11
C TYR A 383 23.26 -11.35 -19.56
N GLU A 384 21.97 -11.59 -19.29
CA GLU A 384 20.92 -10.57 -19.42
C GLU A 384 20.10 -10.52 -18.13
N GLU A 385 19.64 -9.33 -17.75
CA GLU A 385 18.83 -9.17 -16.54
C GLU A 385 17.86 -8.00 -16.67
N LYS A 386 16.79 -8.02 -15.88
CA LYS A 386 15.85 -6.91 -15.81
C LYS A 386 15.25 -6.78 -14.42
N ASN A 387 15.47 -5.62 -13.80
CA ASN A 387 14.90 -5.27 -12.51
C ASN A 387 13.57 -4.54 -12.72
N TRP A 388 12.47 -5.23 -12.42
CA TRP A 388 11.15 -4.67 -12.66
C TRP A 388 10.71 -3.61 -11.65
N CYS A 389 11.41 -3.53 -10.52
CA CYS A 389 11.13 -2.51 -9.49
C CYS A 389 11.40 -1.07 -9.96
N GLU A 390 12.19 -0.93 -11.02
CA GLU A 390 12.59 0.39 -11.49
C GLU A 390 11.63 1.00 -12.54
N GLU A 391 10.67 0.20 -12.99
CA GLU A 391 9.74 0.60 -14.06
C GLU A 391 8.61 1.50 -13.58
N GLN A 392 8.66 2.77 -14.00
CA GLN A 392 7.61 3.76 -13.74
C GLN A 392 6.22 3.27 -14.18
N TYR A 393 6.15 2.63 -15.34
CA TYR A 393 4.86 2.21 -15.90
C TYR A 393 4.50 0.72 -15.68
N SER A 394 5.21 0.09 -14.74
CA SER A 394 4.81 -1.23 -14.23
C SER A 394 4.60 -1.18 -12.72
N GLY A 395 5.57 -0.60 -12.01
CA GLY A 395 5.59 -0.50 -10.57
C GLY A 395 6.18 -1.69 -9.83
N GLY A 396 6.46 -2.78 -10.56
CA GLY A 396 6.94 -4.02 -9.98
C GLY A 396 6.53 -5.21 -10.84
N CYS A 397 6.78 -6.43 -10.34
CA CYS A 397 6.36 -7.66 -10.99
C CYS A 397 6.34 -8.78 -9.94
N TYR A 398 5.63 -9.90 -10.18
CA TYR A 398 4.81 -10.14 -11.39
C TYR A 398 3.52 -9.34 -11.38
N THR A 399 3.00 -9.08 -10.19
CA THR A 399 1.64 -8.58 -10.07
C THR A 399 1.38 -7.88 -8.76
N THR A 400 0.14 -7.45 -8.57
CA THR A 400 -0.29 -6.70 -7.39
C THR A 400 -0.55 -7.66 -6.23
N TYR A 401 -0.05 -7.33 -5.05
CA TYR A 401 -0.39 -8.09 -3.84
C TYR A 401 -1.24 -7.22 -2.89
N PHE A 402 -1.99 -7.88 -2.02
CA PHE A 402 -2.86 -7.17 -1.06
C PHE A 402 -2.34 -7.36 0.36
N PRO A 403 -1.92 -6.27 1.02
CA PRO A 403 -1.55 -6.33 2.44
C PRO A 403 -2.77 -6.66 3.30
N PRO A 404 -2.53 -7.03 4.56
CA PRO A 404 -3.63 -7.40 5.47
C PRO A 404 -4.71 -6.34 5.55
N GLY A 405 -5.95 -6.79 5.43
CA GLY A 405 -7.12 -5.94 5.66
C GLY A 405 -7.71 -5.25 4.45
N ILE A 406 -7.03 -5.33 3.30
CA ILE A 406 -7.41 -4.54 2.14
C ILE A 406 -8.44 -5.25 1.23
N LEU A 407 -8.27 -6.55 1.03
CA LEU A 407 -9.14 -7.30 0.11
C LEU A 407 -10.60 -7.33 0.57
N THR A 408 -10.84 -7.49 1.87
CA THR A 408 -12.22 -7.44 2.35
C THR A 408 -12.81 -6.03 2.31
N GLN A 409 -12.00 -5.02 2.56
CA GLN A 409 -12.51 -3.63 2.61
C GLN A 409 -12.66 -2.98 1.22
N TYR A 410 -11.79 -3.34 0.28
CA TYR A 410 -11.70 -2.62 -0.99
C TYR A 410 -11.83 -3.55 -2.21
N GLY A 411 -11.72 -4.84 -1.99
CA GLY A 411 -11.70 -5.82 -3.09
C GLY A 411 -12.87 -5.75 -4.05
N ARG A 412 -14.07 -5.49 -3.52
CA ARG A 412 -15.25 -5.44 -4.40
C ARG A 412 -15.20 -4.28 -5.43
N VAL A 413 -14.31 -3.32 -5.19
CA VAL A 413 -14.14 -2.12 -6.02
C VAL A 413 -13.32 -2.39 -7.29
N LEU A 414 -12.53 -3.47 -7.28
CA LEU A 414 -11.48 -3.69 -8.28
C LEU A 414 -11.92 -3.58 -9.74
N ARG A 415 -13.04 -4.22 -10.09
CA ARG A 415 -13.53 -4.19 -11.47
C ARG A 415 -14.92 -3.55 -11.64
N GLN A 416 -15.34 -2.80 -10.62
CA GLN A 416 -16.56 -2.02 -10.65
C GLN A 416 -16.35 -0.80 -11.57
N PRO A 417 -17.17 -0.68 -12.63
CA PRO A 417 -17.07 0.45 -13.55
C PRO A 417 -17.28 1.80 -12.83
N VAL A 418 -16.58 2.82 -13.31
CA VAL A 418 -16.76 4.18 -12.80
C VAL A 418 -17.33 5.01 -13.96
N ASP A 419 -18.66 5.14 -13.97
CA ASP A 419 -19.41 5.78 -15.05
C ASP A 419 -19.10 5.03 -16.36
N ARG A 420 -18.27 5.62 -17.23
CA ARG A 420 -18.00 5.01 -18.54
C ARG A 420 -16.57 4.44 -18.63
N ILE A 421 -15.87 4.36 -17.48
CA ILE A 421 -14.58 3.65 -17.39
C ILE A 421 -14.78 2.22 -16.87
N TYR A 422 -14.29 1.25 -17.64
CA TYR A 422 -14.33 -0.18 -17.33
C TYR A 422 -12.90 -0.64 -17.06
N PHE A 423 -12.77 -1.71 -16.27
CA PHE A 423 -11.45 -2.10 -15.78
C PHE A 423 -11.00 -3.49 -16.22
N ALA A 424 -9.86 -3.52 -16.90
CA ALA A 424 -9.21 -4.73 -17.35
C ALA A 424 -7.90 -4.86 -16.58
N GLY A 425 -6.93 -5.56 -17.16
CA GLY A 425 -5.68 -5.86 -16.47
C GLY A 425 -5.78 -7.17 -15.70
N THR A 426 -4.67 -7.89 -15.64
CA THR A 426 -4.65 -9.23 -15.05
C THR A 426 -5.14 -9.24 -13.60
N GLU A 427 -4.96 -8.13 -12.90
CA GLU A 427 -5.42 -8.02 -11.51
C GLU A 427 -6.92 -8.17 -11.32
N THR A 428 -7.71 -7.93 -12.38
CA THR A 428 -9.17 -8.06 -12.34
C THR A 428 -9.72 -9.41 -12.78
N ALA A 429 -8.84 -10.34 -13.18
CA ALA A 429 -9.27 -11.67 -13.59
C ALA A 429 -9.71 -12.54 -12.42
N THR A 430 -10.46 -13.61 -12.74
CA THR A 430 -10.95 -14.57 -11.74
C THR A 430 -10.29 -15.94 -11.87
N HIS A 431 -9.50 -16.12 -12.92
CA HIS A 431 -8.78 -17.37 -13.19
C HIS A 431 -7.39 -17.00 -13.72
N TRP A 432 -6.35 -17.44 -13.01
CA TRP A 432 -4.96 -17.07 -13.31
C TRP A 432 -4.75 -15.54 -13.34
N SER A 433 -5.45 -14.83 -12.46
CA SER A 433 -5.09 -13.44 -12.18
C SER A 433 -3.61 -13.42 -11.80
N GLY A 434 -2.87 -12.42 -12.28
CA GLY A 434 -1.43 -12.33 -12.06
C GLY A 434 -0.59 -12.75 -13.24
N TYR A 435 -1.24 -13.39 -14.21
CA TYR A 435 -0.60 -14.08 -15.33
C TYR A 435 -1.09 -13.49 -16.66
N MET A 436 -0.36 -13.78 -17.73
CA MET A 436 -0.81 -13.45 -19.08
C MET A 436 -2.24 -13.96 -19.38
N GLU A 437 -2.56 -15.16 -18.90
CA GLU A 437 -3.91 -15.74 -19.03
C GLU A 437 -4.97 -14.82 -18.41
N GLY A 438 -4.73 -14.37 -17.19
CA GLY A 438 -5.60 -13.41 -16.54
C GLY A 438 -5.75 -12.10 -17.28
N ALA A 439 -4.67 -11.60 -17.89
CA ALA A 439 -4.74 -10.42 -18.76
C ALA A 439 -5.73 -10.59 -19.91
N VAL A 440 -5.70 -11.74 -20.55
CA VAL A 440 -6.62 -12.01 -21.66
C VAL A 440 -8.05 -12.09 -21.15
N GLU A 441 -8.28 -12.86 -20.09
CA GLU A 441 -9.62 -12.95 -19.50
C GLU A 441 -10.19 -11.57 -19.18
N ALA A 442 -9.40 -10.74 -18.50
CA ALA A 442 -9.88 -9.42 -18.05
C ALA A 442 -10.14 -8.42 -19.18
N GLY A 443 -9.25 -8.40 -20.17
CA GLY A 443 -9.38 -7.53 -21.32
C GLY A 443 -10.61 -7.86 -22.14
N GLU A 444 -10.83 -9.15 -22.38
CA GLU A 444 -11.97 -9.58 -23.17
C GLU A 444 -13.29 -9.39 -22.42
N ARG A 445 -13.26 -9.58 -21.10
CA ARG A 445 -14.44 -9.37 -20.26
C ARG A 445 -14.83 -7.88 -20.21
N ALA A 446 -13.83 -7.02 -20.03
CA ALA A 446 -14.05 -5.56 -20.06
C ALA A 446 -14.60 -5.08 -21.40
N ALA A 447 -14.06 -5.59 -22.51
CA ALA A 447 -14.56 -5.27 -23.84
C ALA A 447 -16.03 -5.66 -23.99
N ARG A 448 -16.38 -6.86 -23.52
CA ARG A 448 -17.76 -7.35 -23.58
C ARG A 448 -18.71 -6.56 -22.66
N GLU A 449 -18.21 -6.06 -21.53
CA GLU A 449 -19.00 -5.15 -20.70
C GLU A 449 -19.44 -3.91 -21.48
N ILE A 450 -18.52 -3.36 -22.26
CA ILE A 450 -18.83 -2.23 -23.15
C ILE A 450 -19.80 -2.63 -24.27
N LEU A 451 -19.59 -3.79 -24.88
CA LEU A 451 -20.51 -4.28 -25.90
C LEU A 451 -21.94 -4.43 -25.34
N HIS A 452 -22.04 -4.87 -24.09
CA HIS A 452 -23.34 -4.95 -23.44
C HIS A 452 -23.94 -3.57 -23.19
N ALA A 453 -23.14 -2.64 -22.65
CA ALA A 453 -23.56 -1.26 -22.43
C ALA A 453 -24.08 -0.59 -23.71
N MET A 454 -23.53 -1.00 -24.85
CA MET A 454 -23.97 -0.47 -26.14
C MET A 454 -25.18 -1.20 -26.73
N GLY A 455 -25.64 -2.25 -26.03
CA GLY A 455 -26.79 -3.05 -26.47
C GLY A 455 -26.50 -4.05 -27.58
N LYS A 456 -25.22 -4.35 -27.81
CA LYS A 456 -24.81 -5.26 -28.87
C LYS A 456 -24.85 -6.74 -28.46
N ILE A 457 -24.72 -7.02 -27.17
CA ILE A 457 -24.82 -8.39 -26.63
C ILE A 457 -25.66 -8.42 -25.34
N PRO A 458 -26.27 -9.56 -25.03
CA PRO A 458 -27.00 -9.70 -23.75
C PRO A 458 -26.05 -9.87 -22.56
N GLU A 459 -26.54 -9.57 -21.36
CA GLU A 459 -25.75 -9.69 -20.12
C GLU A 459 -25.12 -11.08 -20.00
N ASP A 460 -25.88 -12.07 -20.45
CA ASP A 460 -25.46 -13.47 -20.60
C ASP A 460 -24.05 -13.68 -21.14
N GLU A 461 -23.63 -12.83 -22.06
CA GLU A 461 -22.41 -13.05 -22.83
C GLU A 461 -21.18 -12.26 -22.33
N ILE A 462 -21.32 -11.55 -21.22
CA ILE A 462 -20.21 -10.76 -20.67
C ILE A 462 -19.06 -11.67 -20.21
N TRP A 463 -19.39 -12.68 -19.42
CA TRP A 463 -18.43 -13.69 -18.99
C TRP A 463 -18.57 -14.95 -19.84
N GLN A 464 -17.50 -15.32 -20.54
CA GLN A 464 -17.55 -16.47 -21.44
C GLN A 464 -16.52 -17.53 -21.08
N SER A 465 -16.97 -18.79 -21.10
CA SER A 465 -16.08 -19.93 -20.90
C SER A 465 -15.16 -20.10 -22.11
N GLU A 466 -14.08 -20.86 -21.93
CA GLU A 466 -13.07 -21.06 -22.97
C GLU A 466 -12.89 -22.55 -23.23
N PRO A 467 -13.05 -23.00 -24.48
CA PRO A 467 -12.77 -24.41 -24.81
C PRO A 467 -11.33 -24.79 -24.46
N GLU A 468 -11.12 -26.03 -24.02
CA GLU A 468 -9.79 -26.52 -23.69
C GLU A 468 -8.89 -26.58 -24.93
N SER A 469 -7.65 -26.14 -24.78
CA SER A 469 -6.65 -26.24 -25.85
C SER A 469 -6.49 -27.70 -26.26
N VAL A 470 -6.42 -27.95 -27.56
CA VAL A 470 -6.11 -29.27 -28.08
C VAL A 470 -4.61 -29.54 -28.04
N ASP A 471 -3.82 -28.47 -28.00
CA ASP A 471 -2.36 -28.57 -28.06
C ASP A 471 -1.73 -28.74 -26.69
N VAL A 472 -2.40 -28.20 -25.67
CA VAL A 472 -1.93 -28.24 -24.29
C VAL A 472 -3.05 -28.72 -23.35
N PRO A 473 -3.34 -30.02 -23.40
CA PRO A 473 -4.42 -30.59 -22.59
C PRO A 473 -4.03 -30.67 -21.10
N ALA A 474 -5.02 -30.49 -20.24
CA ALA A 474 -4.82 -30.52 -18.80
C ALA A 474 -5.09 -31.91 -18.20
N GLN A 475 -4.08 -32.50 -17.56
CA GLN A 475 -4.29 -33.70 -16.76
C GLN A 475 -4.88 -33.26 -15.43
N PRO A 476 -5.83 -34.03 -14.89
CA PRO A 476 -6.47 -33.65 -13.62
C PRO A 476 -5.48 -33.71 -12.46
N ILE A 477 -5.77 -32.95 -11.41
CA ILE A 477 -4.96 -32.97 -10.20
C ILE A 477 -5.49 -34.07 -9.28
N THR A 478 -4.63 -35.01 -8.92
CA THR A 478 -5.03 -36.15 -8.06
C THR A 478 -4.24 -36.16 -6.76
N THR A 479 -4.85 -36.73 -5.72
CA THR A 479 -4.17 -37.02 -4.45
C THR A 479 -4.30 -38.50 -4.11
N THR A 480 -3.43 -39.00 -3.23
CA THR A 480 -3.52 -40.39 -2.75
C THR A 480 -4.38 -40.48 -1.50
N PHE A 481 -4.79 -41.70 -1.17
CA PHE A 481 -5.52 -41.97 0.07
C PHE A 481 -4.78 -41.48 1.31
N LEU A 482 -3.47 -41.76 1.36
CA LEU A 482 -2.63 -41.37 2.49
C LEU A 482 -2.49 -39.85 2.60
N GLU A 483 -2.30 -39.19 1.47
CA GLU A 483 -2.20 -37.72 1.41
C GLU A 483 -3.45 -37.05 1.96
N ARG A 484 -4.61 -37.57 1.58
CA ARG A 484 -5.89 -37.08 2.07
C ARG A 484 -6.14 -37.29 3.58
N HIS A 485 -5.68 -38.42 4.13
CA HIS A 485 -6.10 -38.85 5.47
C HIS A 485 -5.04 -38.91 6.57
N LEU A 486 -3.76 -38.81 6.23
CA LEU A 486 -2.71 -38.78 7.24
C LEU A 486 -2.96 -37.57 8.15
N PRO A 487 -2.79 -37.73 9.45
CA PRO A 487 -3.01 -36.62 10.39
C PRO A 487 -1.93 -35.54 10.30
N SER A 488 -2.30 -34.33 10.71
CA SER A 488 -1.35 -33.24 10.96
C SER A 488 -0.51 -33.59 12.18
N VAL A 489 0.50 -32.77 12.48
CA VAL A 489 1.30 -32.96 13.69
C VAL A 489 0.41 -32.82 14.95
N PRO A 490 -0.32 -31.72 15.12
CA PRO A 490 -1.22 -31.59 16.27
C PRO A 490 -2.29 -32.68 16.29
N GLY A 491 -2.70 -33.14 15.10
CA GLY A 491 -3.62 -34.25 14.98
C GLY A 491 -3.07 -35.57 15.50
N LEU A 492 -1.79 -35.84 15.24
CA LEU A 492 -1.12 -37.02 15.79
C LEU A 492 -0.96 -36.92 17.31
N LEU A 493 -0.66 -35.72 17.82
CA LEU A 493 -0.48 -35.49 19.25
C LEU A 493 -1.76 -35.72 20.05
N ARG A 494 -2.90 -35.41 19.44
CA ARG A 494 -4.20 -35.67 20.06
C ARG A 494 -4.55 -37.16 20.03
N LEU A 495 -4.12 -37.85 18.97
CA LEU A 495 -4.23 -39.30 18.89
C LEU A 495 -3.35 -40.00 19.94
N ILE A 496 -2.23 -39.37 20.29
CA ILE A 496 -1.35 -39.85 21.36
C ILE A 496 -1.98 -39.60 22.75
N GLY A 497 -2.60 -38.44 22.94
CA GLY A 497 -3.33 -38.16 24.16
C GLY A 497 -4.51 -39.10 24.38
N LEU A 498 -5.16 -39.50 23.29
CA LEU A 498 -6.34 -40.37 23.30
C LEU A 498 -6.08 -41.75 23.88
N THR A 499 -5.02 -42.40 23.40
CA THR A 499 -4.64 -43.74 23.85
C THR A 499 -4.14 -43.80 25.30
N THR A 500 -3.77 -42.64 25.85
CA THR A 500 -3.45 -42.54 27.28
C THR A 500 -4.75 -42.52 28.10
N ILE A 501 -5.42 -43.67 28.14
CA ILE A 501 -6.68 -43.85 28.85
C ILE A 501 -6.76 -45.25 29.45
N ASN B 3 6.83 31.63 -15.31
CA ASN B 3 7.89 30.77 -15.91
C ASN B 3 9.07 30.51 -14.95
N LYS B 4 9.97 31.48 -14.79
CA LYS B 4 11.24 31.23 -14.10
C LYS B 4 11.31 31.74 -12.67
N CYS B 5 11.88 30.92 -11.79
CA CYS B 5 12.08 31.26 -10.39
C CYS B 5 13.26 30.48 -9.80
N ASP B 6 13.57 30.72 -8.53
CA ASP B 6 14.62 29.97 -7.83
C ASP B 6 14.15 28.58 -7.36
N VAL B 7 12.97 28.51 -6.73
CA VAL B 7 12.40 27.24 -6.25
C VAL B 7 10.91 27.11 -6.53
N VAL B 8 10.51 25.98 -7.11
CA VAL B 8 9.10 25.61 -7.19
C VAL B 8 8.76 24.73 -5.97
N VAL B 9 7.71 25.11 -5.24
CA VAL B 9 7.15 24.27 -4.18
C VAL B 9 5.85 23.63 -4.67
N VAL B 10 5.80 22.30 -4.64
CA VAL B 10 4.61 21.57 -5.05
C VAL B 10 3.76 21.27 -3.81
N GLY B 11 2.61 21.92 -3.72
CA GLY B 11 1.66 21.72 -2.65
C GLY B 11 1.62 22.93 -1.73
N GLY B 12 0.42 23.45 -1.47
CA GLY B 12 0.23 24.62 -0.64
C GLY B 12 -0.49 24.31 0.65
N GLY B 13 -0.10 23.20 1.29
CA GLY B 13 -0.54 22.90 2.65
C GLY B 13 0.42 23.59 3.59
N ILE B 14 0.31 23.33 4.89
CA ILE B 14 1.19 24.01 5.86
C ILE B 14 2.67 23.80 5.57
N SER B 15 3.05 22.58 5.20
CA SER B 15 4.45 22.28 4.91
C SER B 15 5.00 23.08 3.73
N GLY B 16 4.30 23.05 2.59
CA GLY B 16 4.69 23.81 1.42
C GLY B 16 4.76 25.32 1.68
N MET B 17 3.75 25.83 2.37
CA MET B 17 3.67 27.25 2.73
C MET B 17 4.78 27.68 3.69
N ALA B 18 5.08 26.83 4.68
CA ALA B 18 6.19 27.11 5.61
C ALA B 18 7.54 27.12 4.88
N ALA B 19 7.72 26.18 3.94
CA ALA B 19 8.93 26.13 3.10
C ALA B 19 9.05 27.38 2.23
N ALA B 20 7.95 27.75 1.59
CA ALA B 20 7.95 28.88 0.68
C ALA B 20 8.20 30.18 1.43
N LYS B 21 7.58 30.32 2.61
CA LYS B 21 7.79 31.48 3.46
C LYS B 21 9.27 31.64 3.84
N LEU B 22 9.92 30.56 4.26
CA LEU B 22 11.33 30.61 4.66
C LEU B 22 12.23 31.05 3.49
N LEU B 23 12.05 30.42 2.34
CA LEU B 23 12.80 30.77 1.13
C LEU B 23 12.57 32.22 0.69
N HIS B 24 11.31 32.66 0.71
CA HIS B 24 10.94 34.02 0.38
C HIS B 24 11.61 35.03 1.31
N ASP B 25 11.56 34.75 2.62
CA ASP B 25 12.20 35.61 3.62
C ASP B 25 13.73 35.67 3.44
N SER B 26 14.31 34.60 2.90
CA SER B 26 15.76 34.56 2.63
C SER B 26 16.15 35.30 1.34
N GLY B 27 15.15 35.76 0.59
CA GLY B 27 15.40 36.56 -0.60
C GLY B 27 15.32 35.83 -1.93
N LEU B 28 14.88 34.58 -1.90
CA LEU B 28 14.72 33.80 -3.12
C LEU B 28 13.36 33.98 -3.76
N ASN B 29 13.29 33.77 -5.08
CA ASN B 29 12.04 33.83 -5.82
C ASN B 29 11.35 32.47 -5.86
N VAL B 30 10.21 32.38 -5.19
CA VAL B 30 9.49 31.12 -5.02
C VAL B 30 8.12 31.17 -5.68
N VAL B 31 7.70 30.01 -6.19
CA VAL B 31 6.36 29.81 -6.70
C VAL B 31 5.78 28.58 -5.98
N VAL B 32 4.51 28.68 -5.57
CA VAL B 32 3.79 27.54 -4.98
C VAL B 32 2.73 27.07 -5.96
N LEU B 33 2.83 25.81 -6.36
CA LEU B 33 1.84 25.22 -7.27
C LEU B 33 0.88 24.35 -6.45
N GLU B 34 -0.36 24.80 -6.34
CA GLU B 34 -1.39 24.11 -5.54
C GLU B 34 -2.48 23.55 -6.46
N ALA B 35 -2.77 22.25 -6.29
CA ALA B 35 -3.75 21.53 -7.10
C ALA B 35 -5.20 22.02 -6.92
N ARG B 36 -5.58 22.34 -5.69
CA ARG B 36 -6.96 22.74 -5.38
C ARG B 36 -7.19 24.23 -5.63
N ASP B 37 -8.47 24.63 -5.56
CA ASP B 37 -8.87 26.04 -5.60
C ASP B 37 -8.67 26.76 -4.25
N ARG B 38 -7.95 26.12 -3.34
CA ARG B 38 -7.70 26.67 -2.00
C ARG B 38 -6.35 26.20 -1.47
N VAL B 39 -5.81 26.92 -0.49
CA VAL B 39 -4.62 26.43 0.22
C VAL B 39 -5.06 25.72 1.51
N GLY B 40 -4.14 25.03 2.17
CA GLY B 40 -4.42 24.42 3.46
C GLY B 40 -4.36 22.90 3.51
N GLY B 41 -4.68 22.26 2.39
CA GLY B 41 -4.55 20.82 2.26
C GLY B 41 -5.42 20.04 3.24
N ARG B 42 -4.77 19.28 4.13
CA ARG B 42 -5.48 18.53 5.18
C ARG B 42 -5.97 19.39 6.35
N THR B 43 -5.70 20.69 6.32
CA THR B 43 -6.46 21.65 7.12
C THR B 43 -7.46 22.38 6.23
N TYR B 44 -8.65 22.58 6.76
CA TYR B 44 -9.73 23.27 6.05
C TYR B 44 -10.66 23.91 7.08
N THR B 45 -10.75 25.22 7.07
CA THR B 45 -11.69 25.93 7.96
C THR B 45 -12.90 26.44 7.17
N LEU B 46 -14.08 25.89 7.47
CA LEU B 46 -15.33 26.33 6.84
C LEU B 46 -15.94 27.46 7.66
N ARG B 47 -16.35 28.52 6.96
CA ARG B 47 -17.07 29.63 7.59
C ARG B 47 -18.49 29.75 7.06
N ASN B 48 -19.45 29.85 7.98
CA ASN B 48 -20.84 30.20 7.66
C ASN B 48 -21.49 30.76 8.90
N GLN B 49 -22.71 31.26 8.76
CA GLN B 49 -23.38 31.91 9.87
C GLN B 49 -23.71 30.96 11.03
N LYS B 50 -24.01 29.72 10.69
CA LYS B 50 -24.45 28.75 11.70
C LYS B 50 -23.32 28.33 12.64
N VAL B 51 -22.09 28.24 12.11
CA VAL B 51 -20.94 27.75 12.89
C VAL B 51 -19.95 28.85 13.26
N LYS B 52 -20.08 30.00 12.61
CA LYS B 52 -19.04 31.04 12.54
C LYS B 52 -17.81 30.53 11.77
N TYR B 53 -17.01 29.67 12.42
CA TYR B 53 -15.94 28.93 11.74
C TYR B 53 -15.85 27.51 12.33
N VAL B 54 -15.42 26.53 11.53
CA VAL B 54 -15.17 25.20 12.06
C VAL B 54 -14.02 24.52 11.33
N ASP B 55 -13.11 23.89 12.07
CA ASP B 55 -12.05 23.09 11.47
C ASP B 55 -12.60 21.73 11.08
N LEU B 56 -12.58 21.44 9.77
CA LEU B 56 -13.03 20.15 9.25
C LEU B 56 -11.87 19.18 9.02
N GLY B 57 -10.65 19.71 9.03
CA GLY B 57 -9.43 18.89 9.02
C GLY B 57 -8.63 19.11 10.28
N GLY B 58 -7.31 19.18 10.17
CA GLY B 58 -6.43 19.39 11.32
C GLY B 58 -6.81 20.61 12.14
N SER B 59 -6.74 20.48 13.47
CA SER B 59 -7.24 21.53 14.35
C SER B 59 -6.42 21.73 15.64
N TYR B 60 -6.05 20.65 16.31
CA TYR B 60 -5.46 20.72 17.64
C TYR B 60 -3.96 20.95 17.60
N VAL B 61 -3.49 21.73 18.58
CA VAL B 61 -2.07 21.93 18.84
C VAL B 61 -1.89 21.91 20.36
N GLY B 62 -0.67 21.68 20.82
CA GLY B 62 -0.41 21.61 22.25
C GLY B 62 1.05 21.76 22.61
N PRO B 63 1.36 21.63 23.89
CA PRO B 63 2.75 21.75 24.37
C PRO B 63 3.71 20.78 23.66
N THR B 64 4.93 21.27 23.48
CA THR B 64 6.05 20.67 22.70
C THR B 64 5.92 20.84 21.17
N GLN B 65 4.79 21.37 20.70
CA GLN B 65 4.62 21.67 19.27
C GLN B 65 5.03 23.12 18.99
N ASN B 66 6.31 23.42 19.20
CA ASN B 66 6.78 24.79 19.26
C ASN B 66 6.88 25.49 17.90
N ARG B 67 7.03 24.70 16.83
CA ARG B 67 7.19 25.25 15.50
C ARG B 67 5.89 25.80 14.91
N ILE B 68 4.83 25.00 14.98
CA ILE B 68 3.50 25.49 14.57
C ILE B 68 3.04 26.66 15.45
N LEU B 69 3.37 26.62 16.74
CA LEU B 69 2.98 27.71 17.65
C LEU B 69 3.71 29.03 17.33
N ARG B 70 5.00 28.94 17.04
CA ARG B 70 5.79 30.11 16.65
C ARG B 70 5.32 30.66 15.29
N LEU B 71 5.12 29.78 14.31
CA LEU B 71 4.70 30.22 12.98
C LEU B 71 3.34 30.92 13.04
N ALA B 72 2.40 30.31 13.77
CA ALA B 72 1.07 30.89 13.92
C ALA B 72 1.13 32.24 14.64
N LYS B 73 1.91 32.33 15.71
CA LYS B 73 2.03 33.60 16.44
C LYS B 73 2.56 34.73 15.55
N GLU B 74 3.60 34.44 14.78
CA GLU B 74 4.15 35.38 13.81
C GLU B 74 3.10 35.89 12.82
N LEU B 75 2.19 35.00 12.43
CA LEU B 75 1.11 35.35 11.51
C LEU B 75 -0.07 36.06 12.20
N GLY B 76 0.01 36.26 13.51
CA GLY B 76 -0.99 37.02 14.25
C GLY B 76 -2.15 36.20 14.81
N LEU B 77 -1.94 34.88 14.89
CA LEU B 77 -2.96 33.97 15.43
C LEU B 77 -2.83 33.77 16.95
N GLU B 78 -3.96 33.49 17.60
CA GLU B 78 -4.02 33.16 19.02
C GLU B 78 -4.62 31.76 19.19
N THR B 79 -4.32 31.12 20.32
CA THR B 79 -4.95 29.83 20.67
C THR B 79 -5.94 29.99 21.83
N TYR B 80 -6.80 29.00 21.99
CA TYR B 80 -7.62 28.85 23.19
C TYR B 80 -7.64 27.39 23.65
N LYS B 81 -8.01 27.16 24.91
CA LYS B 81 -7.97 25.83 25.50
C LYS B 81 -9.23 25.01 25.20
N VAL B 82 -9.02 23.78 24.71
CA VAL B 82 -10.11 22.82 24.55
C VAL B 82 -10.69 22.53 25.94
N ASN B 83 -12.03 22.47 26.03
CA ASN B 83 -12.68 22.28 27.33
C ASN B 83 -12.38 20.92 27.97
N GLU B 84 -11.71 20.94 29.12
CA GLU B 84 -11.48 19.73 29.91
C GLU B 84 -11.64 20.00 31.41
N VAL B 85 -12.55 20.91 31.76
CA VAL B 85 -12.77 21.28 33.15
C VAL B 85 -13.49 20.14 33.90
N GLU B 86 -14.52 19.58 33.27
CA GLU B 86 -15.40 18.59 33.92
C GLU B 86 -14.89 17.16 33.64
N ARG B 87 -15.70 16.14 33.93
CA ARG B 87 -15.25 14.76 33.84
C ARG B 87 -15.29 14.25 32.39
N LEU B 88 -14.32 13.39 32.07
CA LEU B 88 -14.30 12.64 30.81
C LEU B 88 -15.17 11.41 31.01
N ILE B 89 -15.59 10.77 29.91
CA ILE B 89 -16.41 9.58 30.02
C ILE B 89 -15.75 8.42 29.26
N HIS B 90 -15.63 7.26 29.92
CA HIS B 90 -15.30 6.00 29.23
C HIS B 90 -16.58 5.18 29.15
N HIS B 91 -17.04 4.89 27.93
CA HIS B 91 -18.25 4.11 27.74
C HIS B 91 -17.85 2.69 27.31
N VAL B 92 -18.11 1.72 28.18
CA VAL B 92 -17.72 0.33 27.91
C VAL B 92 -18.88 -0.61 28.23
N LYS B 93 -19.14 -1.54 27.29
CA LYS B 93 -20.22 -2.52 27.43
C LYS B 93 -21.56 -1.88 27.79
N GLY B 94 -21.91 -0.81 27.07
CA GLY B 94 -23.21 -0.16 27.21
C GLY B 94 -23.40 0.72 28.44
N LYS B 95 -22.32 1.03 29.15
CA LYS B 95 -22.42 1.88 30.33
C LYS B 95 -21.32 2.96 30.39
N SER B 96 -21.68 4.14 30.90
CA SER B 96 -20.75 5.27 30.99
C SER B 96 -20.11 5.37 32.37
N TYR B 97 -18.78 5.51 32.38
CA TYR B 97 -18.00 5.63 33.61
C TYR B 97 -17.17 6.90 33.59
N PRO B 98 -17.62 7.91 34.33
CA PRO B 98 -16.93 9.20 34.35
C PRO B 98 -15.58 9.12 35.08
N PHE B 99 -14.63 9.92 34.62
CA PHE B 99 -13.28 9.91 35.21
C PHE B 99 -12.53 11.22 34.99
N ARG B 100 -11.38 11.33 35.68
CA ARG B 100 -10.48 12.47 35.60
C ARG B 100 -9.07 11.97 35.30
N GLY B 101 -8.25 12.81 34.65
CA GLY B 101 -6.89 12.43 34.29
C GLY B 101 -6.89 11.82 32.90
N PRO B 102 -5.73 11.68 32.28
CA PRO B 102 -5.65 11.26 30.87
C PRO B 102 -6.03 9.80 30.54
N PHE B 103 -5.70 8.85 31.42
CA PHE B 103 -5.94 7.43 31.17
C PHE B 103 -7.24 6.92 31.82
N PRO B 104 -8.10 6.27 31.04
CA PRO B 104 -9.32 5.63 31.57
C PRO B 104 -8.98 4.56 32.61
N PRO B 105 -9.43 4.72 33.86
CA PRO B 105 -9.03 3.86 34.98
C PRO B 105 -9.80 2.53 35.04
N VAL B 106 -9.25 1.55 35.74
CA VAL B 106 -9.89 0.24 35.91
C VAL B 106 -9.78 -0.22 37.35
N TRP B 107 -10.72 -1.06 37.78
CA TRP B 107 -10.83 -1.45 39.18
C TRP B 107 -10.41 -2.88 39.50
N ASN B 108 -10.69 -3.82 38.60
CA ASN B 108 -10.22 -5.20 38.74
C ASN B 108 -8.68 -5.24 38.76
N PRO B 109 -8.08 -5.92 39.76
CA PRO B 109 -6.63 -5.92 40.00
C PRO B 109 -5.78 -6.50 38.87
N ILE B 110 -6.25 -7.60 38.28
CA ILE B 110 -5.55 -8.24 37.18
C ILE B 110 -5.60 -7.33 35.96
N THR B 111 -6.79 -6.78 35.71
CA THR B 111 -7.02 -5.82 34.64
C THR B 111 -6.17 -4.57 34.80
N TYR B 112 -6.02 -4.10 36.05
CA TYR B 112 -5.15 -2.97 36.36
C TYR B 112 -3.70 -3.24 35.94
N LEU B 113 -3.17 -4.40 36.31
CA LEU B 113 -1.80 -4.77 35.96
C LEU B 113 -1.63 -4.83 34.44
N ASP B 114 -2.63 -5.40 33.76
CA ASP B 114 -2.61 -5.53 32.30
C ASP B 114 -2.65 -4.18 31.57
N HIS B 115 -3.56 -3.29 31.98
CA HIS B 115 -3.61 -1.91 31.46
C HIS B 115 -2.33 -1.13 31.70
N ASN B 116 -1.87 -1.13 32.97
CA ASN B 116 -0.62 -0.46 33.33
C ASN B 116 0.56 -0.93 32.48
N ASN B 117 0.65 -2.25 32.29
CA ASN B 117 1.74 -2.85 31.53
C ASN B 117 1.68 -2.51 30.06
N PHE B 118 0.48 -2.43 29.49
CA PHE B 118 0.35 -2.12 28.07
C PHE B 118 0.93 -0.75 27.72
N TRP B 119 0.49 0.29 28.43
CA TRP B 119 0.96 1.66 28.19
C TRP B 119 2.46 1.77 28.44
N ARG B 120 2.92 1.19 29.56
CA ARG B 120 4.33 1.20 29.93
C ARG B 120 5.22 0.55 28.86
N THR B 121 4.75 -0.59 28.33
CA THR B 121 5.50 -1.35 27.33
C THR B 121 5.59 -0.59 25.99
N MET B 122 4.49 0.04 25.60
CA MET B 122 4.52 0.95 24.43
C MET B 122 5.67 1.98 24.54
N ASP B 123 5.79 2.63 25.69
CA ASP B 123 6.86 3.60 25.90
C ASP B 123 8.24 2.95 26.03
N ASP B 124 8.33 1.77 26.66
CA ASP B 124 9.59 1.04 26.83
C ASP B 124 10.16 0.71 25.47
N MET B 125 9.30 0.16 24.60
CA MET B 125 9.71 -0.22 23.26
C MET B 125 10.11 1.02 22.44
N GLY B 126 9.33 2.09 22.57
CA GLY B 126 9.64 3.35 21.91
C GLY B 126 11.02 3.93 22.23
N ARG B 127 11.51 3.72 23.45
CA ARG B 127 12.82 4.23 23.85
C ARG B 127 13.99 3.65 23.04
N GLU B 128 13.74 2.52 22.39
CA GLU B 128 14.78 1.86 21.60
C GLU B 128 14.70 2.25 20.11
N ILE B 129 13.78 3.16 19.76
CA ILE B 129 13.58 3.55 18.35
C ILE B 129 14.03 5.00 18.10
N PRO B 130 15.10 5.20 17.33
CA PRO B 130 15.54 6.56 16.99
C PRO B 130 14.48 7.33 16.19
N SER B 131 14.17 8.54 16.64
CA SER B 131 13.19 9.39 15.97
C SER B 131 13.51 9.59 14.49
N ASP B 132 14.78 9.85 14.20
CA ASP B 132 15.21 10.17 12.84
C ASP B 132 15.58 8.96 12.00
N ALA B 133 15.46 7.75 12.56
CA ALA B 133 15.84 6.52 11.87
C ALA B 133 15.26 5.29 12.57
N PRO B 134 13.94 5.11 12.53
CA PRO B 134 13.28 3.98 13.20
C PRO B 134 13.79 2.62 12.71
N TRP B 135 14.17 2.52 11.43
CA TRP B 135 14.77 1.30 10.89
C TRP B 135 16.12 0.91 11.55
N LYS B 136 16.65 1.81 12.39
CA LYS B 136 17.88 1.52 13.15
C LYS B 136 17.62 0.97 14.56
N ALA B 137 16.35 0.79 14.92
CA ALA B 137 16.02 0.13 16.18
C ALA B 137 16.64 -1.27 16.22
N PRO B 138 17.19 -1.67 17.37
CA PRO B 138 17.82 -2.98 17.52
C PRO B 138 16.95 -4.14 17.03
N LEU B 139 15.64 -4.08 17.29
CA LEU B 139 14.72 -5.13 16.87
C LEU B 139 13.82 -4.67 15.71
N ALA B 140 14.36 -3.79 14.88
CA ALA B 140 13.60 -3.15 13.81
C ALA B 140 12.87 -4.16 12.94
N GLU B 141 13.59 -5.20 12.52
CA GLU B 141 13.03 -6.20 11.59
C GLU B 141 11.91 -7.01 12.22
N GLU B 142 12.16 -7.52 13.43
CA GLU B 142 11.17 -8.29 14.18
C GLU B 142 9.89 -7.49 14.43
N TRP B 143 10.04 -6.23 14.84
CA TRP B 143 8.89 -5.38 15.10
C TRP B 143 8.19 -4.93 13.82
N ASP B 144 8.94 -4.77 12.74
CA ASP B 144 8.35 -4.32 11.47
C ASP B 144 7.59 -5.43 10.75
N ASN B 145 7.91 -6.68 11.06
CA ASN B 145 7.31 -7.86 10.42
C ASN B 145 6.04 -8.37 11.12
N MET B 146 5.60 -7.60 12.11
CA MET B 146 4.41 -7.85 12.92
C MET B 146 3.43 -6.71 12.71
N THR B 147 2.12 -7.00 12.71
CA THR B 147 1.13 -5.94 12.82
C THR B 147 0.92 -5.54 14.28
N MET B 148 0.30 -4.39 14.49
CA MET B 148 -0.09 -4.00 15.85
C MET B 148 -1.13 -4.97 16.43
N LYS B 149 -1.92 -5.61 15.58
CA LYS B 149 -2.86 -6.62 16.05
C LYS B 149 -2.13 -7.80 16.72
N GLU B 150 -1.06 -8.28 16.05
CA GLU B 150 -0.22 -9.34 16.62
C GLU B 150 0.42 -8.94 17.93
N LEU B 151 0.97 -7.73 17.95
CA LEU B 151 1.61 -7.23 19.17
C LEU B 151 0.62 -7.20 20.34
N LEU B 152 -0.57 -6.62 20.10
CA LEU B 152 -1.61 -6.55 21.13
C LEU B 152 -2.08 -7.93 21.61
N ASP B 153 -2.19 -8.89 20.68
CA ASP B 153 -2.55 -10.27 21.06
C ASP B 153 -1.57 -10.91 22.06
N LYS B 154 -0.28 -10.61 21.89
CA LYS B 154 0.77 -11.12 22.78
C LYS B 154 0.81 -10.36 24.11
N LEU B 155 0.66 -9.04 24.03
CA LEU B 155 0.87 -8.15 25.15
C LEU B 155 -0.33 -8.07 26.10
N CYS B 156 -1.54 -8.10 25.56
CA CYS B 156 -2.74 -7.91 26.38
C CYS B 156 -3.34 -9.21 26.88
N TRP B 157 -3.32 -9.41 28.19
CA TRP B 157 -3.81 -10.63 28.80
C TRP B 157 -5.30 -10.57 29.15
N THR B 158 -5.89 -9.37 29.10
CA THR B 158 -7.33 -9.19 29.32
C THR B 158 -7.99 -8.59 28.09
N GLU B 159 -9.26 -8.93 27.89
CA GLU B 159 -10.04 -8.33 26.80
C GLU B 159 -10.23 -6.83 26.98
N SER B 160 -10.35 -6.39 28.24
CA SER B 160 -10.44 -4.97 28.58
C SER B 160 -9.27 -4.14 28.04
N ALA B 161 -8.04 -4.58 28.28
CA ALA B 161 -6.86 -3.85 27.81
C ALA B 161 -6.79 -3.88 26.28
N LYS B 162 -7.01 -5.05 25.69
CA LYS B 162 -6.95 -5.20 24.25
C LYS B 162 -7.93 -4.26 23.53
N GLN B 163 -9.14 -4.16 24.06
CA GLN B 163 -10.17 -3.29 23.49
C GLN B 163 -9.81 -1.79 23.58
N LEU B 164 -9.28 -1.37 24.72
CA LEU B 164 -8.80 0.00 24.85
C LEU B 164 -7.58 0.26 23.94
N ALA B 165 -6.65 -0.69 23.91
CA ALA B 165 -5.45 -0.57 23.09
C ALA B 165 -5.81 -0.45 21.61
N THR B 166 -6.82 -1.22 21.20
CA THR B 166 -7.28 -1.24 19.82
C THR B 166 -7.88 0.14 19.48
N LEU B 167 -8.69 0.66 20.39
CA LEU B 167 -9.29 1.98 20.23
C LEU B 167 -8.17 3.04 20.05
N PHE B 168 -7.17 2.97 20.92
CA PHE B 168 -5.98 3.86 20.90
C PHE B 168 -5.33 3.89 19.50
N VAL B 169 -5.05 2.70 18.96
CA VAL B 169 -4.46 2.57 17.63
C VAL B 169 -5.37 3.19 16.56
N ASN B 170 -6.65 2.83 16.59
CA ASN B 170 -7.62 3.34 15.61
C ASN B 170 -7.68 4.87 15.59
N LEU B 171 -7.64 5.46 16.78
CA LEU B 171 -7.75 6.89 16.96
C LEU B 171 -6.46 7.65 16.61
N CYS B 172 -5.32 7.07 16.93
CA CYS B 172 -4.02 7.69 16.69
C CYS B 172 -3.73 7.80 15.20
N VAL B 173 -4.06 6.74 14.49
CA VAL B 173 -3.59 6.59 13.11
C VAL B 173 -4.67 6.22 12.10
N THR B 174 -5.94 6.33 12.51
CA THR B 174 -7.11 6.08 11.64
C THR B 174 -7.00 4.82 10.76
N ALA B 175 -6.49 3.76 11.38
CA ALA B 175 -6.29 2.51 10.69
C ALA B 175 -6.52 1.38 11.68
N GLU B 176 -6.81 0.20 11.14
CA GLU B 176 -6.99 -0.98 11.96
C GLU B 176 -5.66 -1.51 12.47
N THR B 177 -5.68 -2.19 13.61
CA THR B 177 -4.47 -2.76 14.18
C THR B 177 -3.78 -3.77 13.25
N HIS B 178 -4.58 -4.51 12.49
CA HIS B 178 -4.03 -5.50 11.56
C HIS B 178 -3.50 -4.88 10.25
N GLU B 179 -3.77 -3.58 10.02
CA GLU B 179 -3.29 -2.88 8.83
C GLU B 179 -1.86 -2.33 8.95
N VAL B 180 -1.42 -2.05 10.19
CA VAL B 180 -0.20 -1.28 10.41
C VAL B 180 0.96 -2.04 11.07
N SER B 181 2.18 -1.72 10.67
CA SER B 181 3.39 -2.28 11.26
C SER B 181 3.50 -1.87 12.74
N ALA B 182 3.84 -2.84 13.57
CA ALA B 182 4.15 -2.57 14.98
C ALA B 182 5.32 -1.58 15.15
N LEU B 183 6.39 -1.76 14.37
CA LEU B 183 7.54 -0.82 14.43
C LEU B 183 7.12 0.62 14.09
N TRP B 184 6.40 0.78 12.98
CA TRP B 184 5.95 2.10 12.56
C TRP B 184 5.06 2.76 13.63
N PHE B 185 4.13 1.99 14.20
CA PHE B 185 3.22 2.55 15.19
C PHE B 185 3.96 2.98 16.47
N LEU B 186 4.91 2.15 16.91
CA LEU B 186 5.72 2.46 18.10
C LEU B 186 6.60 3.67 17.86
N TRP B 187 7.14 3.78 16.65
CA TRP B 187 7.85 4.99 16.25
C TRP B 187 6.93 6.21 16.34
N TYR B 188 5.73 6.08 15.75
CA TYR B 188 4.79 7.18 15.65
C TYR B 188 4.47 7.77 17.02
N VAL B 189 4.23 6.91 17.99
CA VAL B 189 3.89 7.35 19.34
C VAL B 189 5.12 8.00 20.02
N LYS B 190 6.26 7.33 19.91
CA LYS B 190 7.51 7.82 20.49
C LYS B 190 7.90 9.21 19.97
N GLN B 191 7.74 9.43 18.66
CA GLN B 191 8.13 10.70 18.08
C GLN B 191 7.16 11.87 18.39
N CYS B 192 6.03 11.57 19.02
CA CYS B 192 5.16 12.61 19.58
C CYS B 192 5.44 12.87 21.06
N GLY B 193 6.43 12.19 21.61
CA GLY B 193 6.76 12.30 23.03
C GLY B 193 6.21 11.21 23.94
N GLY B 194 5.62 10.15 23.37
CA GLY B 194 5.10 9.05 24.18
C GLY B 194 3.59 9.04 24.42
N THR B 195 3.11 8.03 25.16
CA THR B 195 1.68 7.74 25.27
C THR B 195 0.92 8.85 25.99
N THR B 196 1.46 9.31 27.11
CA THR B 196 0.80 10.36 27.88
C THR B 196 0.65 11.63 27.03
N ARG B 197 1.72 12.06 26.38
CA ARG B 197 1.71 13.26 25.56
C ARG B 197 0.75 13.17 24.36
N ILE B 198 0.73 12.02 23.69
CA ILE B 198 -0.13 11.86 22.51
C ILE B 198 -1.63 11.78 22.84
N ILE B 199 -2.00 11.26 24.01
CA ILE B 199 -3.42 11.03 24.32
C ILE B 199 -4.05 12.15 25.13
N SER B 200 -3.21 13.04 25.68
CA SER B 200 -3.70 14.03 26.62
C SER B 200 -4.24 15.26 25.92
N THR B 201 -5.30 15.82 26.52
CA THR B 201 -5.83 17.12 26.14
C THR B 201 -5.03 18.11 26.99
N THR B 202 -5.36 18.26 28.29
CA THR B 202 -4.50 19.06 29.17
C THR B 202 -3.06 18.52 29.14
N ASN B 203 -2.10 19.40 28.82
CA ASN B 203 -0.66 19.06 28.73
C ASN B 203 -0.27 18.08 27.61
N GLY B 204 -1.11 17.98 26.58
CA GLY B 204 -0.84 17.09 25.48
C GLY B 204 -1.21 17.63 24.11
N GLY B 205 -1.27 16.74 23.12
CA GLY B 205 -1.54 17.11 21.74
C GLY B 205 -2.86 17.82 21.47
N GLN B 206 -3.87 17.55 22.30
CA GLN B 206 -5.19 18.14 22.06
C GLN B 206 -5.50 19.33 22.98
N GLU B 207 -4.47 19.97 23.54
CA GLU B 207 -4.73 21.04 24.51
C GLU B 207 -5.50 22.22 23.91
N ARG B 208 -5.15 22.59 22.68
CA ARG B 208 -5.59 23.88 22.16
C ARG B 208 -6.07 23.84 20.72
N LYS B 209 -6.81 24.88 20.34
CA LYS B 209 -7.16 25.12 18.94
C LYS B 209 -6.84 26.58 18.63
N PHE B 210 -6.76 26.91 17.34
CA PHE B 210 -6.58 28.31 16.93
C PHE B 210 -7.90 29.06 16.88
N VAL B 211 -7.93 30.23 17.51
CA VAL B 211 -9.03 31.18 17.31
C VAL B 211 -9.18 31.50 15.82
N GLY B 212 -10.37 31.21 15.28
CA GLY B 212 -10.68 31.45 13.88
C GLY B 212 -10.34 30.32 12.92
N GLY B 213 -9.73 29.24 13.42
CA GLY B 213 -9.42 28.10 12.58
C GLY B 213 -7.95 28.00 12.15
N SER B 214 -7.49 26.77 11.96
CA SER B 214 -6.10 26.48 11.60
C SER B 214 -5.81 26.76 10.12
N GLY B 215 -6.87 26.82 9.31
CA GLY B 215 -6.75 27.16 7.90
C GLY B 215 -6.13 28.53 7.70
N GLN B 216 -6.22 29.38 8.72
CA GLN B 216 -5.61 30.71 8.68
C GLN B 216 -4.08 30.67 8.53
N VAL B 217 -3.44 29.58 8.97
CA VAL B 217 -1.99 29.46 8.84
C VAL B 217 -1.58 29.50 7.37
N SER B 218 -2.19 28.62 6.57
CA SER B 218 -1.91 28.58 5.14
C SER B 218 -2.43 29.80 4.37
N GLU B 219 -3.63 30.28 4.72
CA GLU B 219 -4.22 31.46 4.07
C GLU B 219 -3.36 32.73 4.27
N ARG B 220 -2.84 32.93 5.49
CA ARG B 220 -2.07 34.14 5.81
C ARG B 220 -0.67 34.13 5.17
N ILE B 221 -0.09 32.94 5.03
CA ILE B 221 1.14 32.82 4.26
C ILE B 221 0.85 33.09 2.78
N MET B 222 -0.27 32.61 2.28
CA MET B 222 -0.69 32.96 0.92
C MET B 222 -0.84 34.48 0.73
N ASP B 223 -1.42 35.14 1.71
CA ASP B 223 -1.53 36.60 1.70
C ASP B 223 -0.16 37.29 1.57
N LEU B 224 0.83 36.80 2.31
CA LEU B 224 2.19 37.33 2.25
C LEU B 224 2.80 37.11 0.86
N LEU B 225 2.61 35.91 0.31
CA LEU B 225 3.28 35.54 -0.94
C LEU B 225 2.64 36.15 -2.20
N GLY B 226 1.39 36.58 -2.08
CA GLY B 226 0.65 37.20 -3.17
C GLY B 226 0.47 36.28 -4.36
N ASP B 227 0.70 36.81 -5.56
CA ASP B 227 0.54 36.03 -6.80
C ASP B 227 1.59 34.92 -7.01
N ARG B 228 2.49 34.73 -6.05
CA ARG B 228 3.44 33.61 -6.12
C ARG B 228 2.76 32.25 -5.90
N VAL B 229 1.57 32.27 -5.30
CA VAL B 229 0.75 31.07 -5.11
C VAL B 229 -0.22 30.91 -6.29
N LYS B 230 -0.09 29.78 -6.97
CA LYS B 230 -0.92 29.47 -8.12
C LYS B 230 -1.93 28.38 -7.76
N LEU B 231 -3.20 28.75 -7.71
CA LEU B 231 -4.27 27.82 -7.36
C LEU B 231 -4.79 27.12 -8.60
N GLU B 232 -5.31 25.90 -8.41
CA GLU B 232 -5.77 25.03 -9.50
C GLU B 232 -4.67 24.73 -10.51
N ARG B 233 -3.47 24.49 -9.98
CA ARG B 233 -2.31 24.09 -10.79
C ARG B 233 -1.77 22.72 -10.32
N PRO B 234 -2.50 21.63 -10.58
CA PRO B 234 -1.99 20.31 -10.24
C PRO B 234 -0.75 20.02 -11.07
N VAL B 235 0.35 19.64 -10.39
CA VAL B 235 1.59 19.25 -11.08
C VAL B 235 1.43 17.84 -11.65
N ILE B 236 1.78 17.69 -12.92
CA ILE B 236 1.64 16.44 -13.66
C ILE B 236 2.98 15.85 -14.13
N TYR B 237 4.01 16.69 -14.17
CA TYR B 237 5.27 16.34 -14.82
C TYR B 237 6.45 17.14 -14.27
N ILE B 238 7.52 16.43 -13.93
CA ILE B 238 8.78 17.05 -13.51
C ILE B 238 9.92 16.46 -14.34
N ASP B 239 10.65 17.37 -15.00
CA ASP B 239 11.75 17.00 -15.89
C ASP B 239 13.08 17.56 -15.36
N GLN B 240 13.99 16.65 -15.05
CA GLN B 240 15.29 17.02 -14.48
C GLN B 240 16.47 16.74 -15.41
N THR B 241 16.20 16.55 -16.70
CA THR B 241 17.27 16.17 -17.64
C THR B 241 18.18 17.34 -18.01
N ARG B 242 17.65 18.57 -17.92
CA ARG B 242 18.39 19.76 -18.36
C ARG B 242 18.90 20.64 -17.21
N GLU B 243 19.57 21.72 -17.58
CA GLU B 243 20.20 22.68 -16.65
C GLU B 243 19.26 23.15 -15.53
N ASN B 244 18.07 23.60 -15.91
CA ASN B 244 17.03 23.99 -14.96
C ASN B 244 15.93 22.94 -14.92
N VAL B 245 15.35 22.74 -13.74
CA VAL B 245 14.23 21.80 -13.57
C VAL B 245 12.97 22.36 -14.20
N LEU B 246 12.27 21.54 -14.98
CA LEU B 246 11.01 21.93 -15.60
C LEU B 246 9.83 21.25 -14.91
N VAL B 247 8.85 22.05 -14.50
CA VAL B 247 7.66 21.56 -13.81
C VAL B 247 6.43 22.01 -14.60
N GLU B 248 5.62 21.02 -15.00
CA GLU B 248 4.43 21.29 -15.80
C GLU B 248 3.15 20.97 -15.03
N THR B 249 2.14 21.81 -15.22
CA THR B 249 0.84 21.60 -14.58
C THR B 249 -0.22 21.08 -15.55
N LEU B 250 -1.35 20.64 -14.98
CA LEU B 250 -2.45 20.06 -15.75
C LEU B 250 -2.99 21.02 -16.82
N ASN B 251 -3.03 22.32 -16.50
CA ASN B 251 -3.40 23.34 -17.50
C ASN B 251 -2.29 23.72 -18.51
N HIS B 252 -1.23 22.91 -18.56
CA HIS B 252 -0.12 23.05 -19.52
C HIS B 252 0.91 24.17 -19.24
N GLU B 253 0.69 24.94 -18.18
CA GLU B 253 1.65 25.94 -17.76
C GLU B 253 3.00 25.29 -17.43
N MET B 254 4.08 26.03 -17.69
CA MET B 254 5.42 25.51 -17.51
C MET B 254 6.20 26.41 -16.56
N TYR B 255 6.86 25.80 -15.59
CA TYR B 255 7.64 26.51 -14.60
C TYR B 255 9.07 26.00 -14.57
N GLU B 256 10.03 26.92 -14.53
CA GLU B 256 11.44 26.59 -14.55
C GLU B 256 12.10 27.02 -13.24
N ALA B 257 12.86 26.13 -12.63
CA ALA B 257 13.49 26.41 -11.34
C ALA B 257 14.85 25.73 -11.17
N LYS B 258 15.61 26.20 -10.18
CA LYS B 258 16.88 25.59 -9.80
C LYS B 258 16.65 24.32 -8.98
N TYR B 259 15.63 24.38 -8.11
CA TYR B 259 15.27 23.29 -7.20
C TYR B 259 13.76 23.17 -7.06
N VAL B 260 13.31 22.01 -6.58
CA VAL B 260 11.91 21.75 -6.29
C VAL B 260 11.76 21.19 -4.89
N ILE B 261 10.70 21.60 -4.19
CA ILE B 261 10.29 20.97 -2.94
C ILE B 261 8.97 20.26 -3.22
N SER B 262 8.93 18.95 -2.99
CA SER B 262 7.69 18.19 -3.04
C SER B 262 7.10 18.21 -1.64
N ALA B 263 5.99 18.92 -1.47
CA ALA B 263 5.36 19.06 -0.15
C ALA B 263 3.97 18.38 -0.11
N ILE B 264 3.87 17.21 -0.73
CA ILE B 264 2.60 16.48 -0.82
C ILE B 264 2.76 15.13 -0.12
N PRO B 265 1.65 14.49 0.31
CA PRO B 265 1.73 13.12 0.84
C PRO B 265 2.58 12.23 -0.07
N PRO B 266 3.45 11.38 0.48
CA PRO B 266 4.35 10.55 -0.32
C PRO B 266 3.65 9.81 -1.47
N THR B 267 2.54 9.14 -1.20
CA THR B 267 1.87 8.39 -2.27
C THR B 267 1.32 9.27 -3.40
N LEU B 268 1.01 10.52 -3.09
CA LEU B 268 0.53 11.45 -4.12
C LEU B 268 1.59 11.86 -5.14
N GLY B 269 2.86 11.55 -4.85
CA GLY B 269 3.92 11.61 -5.84
C GLY B 269 3.62 10.75 -7.05
N MET B 270 2.78 9.73 -6.89
CA MET B 270 2.35 8.89 -8.02
C MET B 270 1.61 9.66 -9.11
N LYS B 271 0.98 10.79 -8.76
CA LYS B 271 0.24 11.63 -9.72
C LYS B 271 1.17 12.43 -10.68
N ILE B 272 2.48 12.35 -10.45
CA ILE B 272 3.46 13.07 -11.25
C ILE B 272 4.27 12.09 -12.09
N HIS B 273 4.40 12.40 -13.38
CA HIS B 273 5.24 11.61 -14.27
C HIS B 273 6.65 12.21 -14.25
N PHE B 274 7.63 11.35 -14.02
CA PHE B 274 9.00 11.82 -13.80
C PHE B 274 9.91 11.51 -14.98
N ASN B 275 10.76 12.49 -15.31
CA ASN B 275 11.82 12.33 -16.31
C ASN B 275 13.11 12.94 -15.77
N PRO B 276 14.16 12.14 -15.54
CA PRO B 276 14.16 10.69 -15.77
C PRO B 276 13.28 9.95 -14.75
N PRO B 277 12.99 8.66 -14.92
CA PRO B 277 12.21 7.92 -13.92
C PRO B 277 12.84 8.04 -12.55
N LEU B 278 12.03 7.96 -11.50
CA LEU B 278 12.53 7.92 -10.14
C LEU B 278 13.46 6.71 -9.94
N PRO B 279 14.41 6.81 -9.00
CA PRO B 279 15.21 5.63 -8.64
C PRO B 279 14.28 4.54 -8.13
N MET B 280 14.70 3.28 -8.27
CA MET B 280 13.85 2.12 -7.97
C MET B 280 13.20 2.17 -6.58
N MET B 281 13.96 2.51 -5.54
CA MET B 281 13.42 2.45 -4.19
C MET B 281 12.26 3.42 -3.96
N ARG B 282 12.41 4.68 -4.39
CA ARG B 282 11.30 5.64 -4.32
C ARG B 282 10.14 5.26 -5.23
N ASN B 283 10.45 4.79 -6.45
CA ASN B 283 9.43 4.33 -7.38
C ASN B 283 8.44 3.35 -6.73
N GLN B 284 8.97 2.38 -5.99
CA GLN B 284 8.12 1.40 -5.31
C GLN B 284 7.58 1.92 -3.97
N MET B 285 8.38 2.70 -3.24
CA MET B 285 7.94 3.24 -1.95
C MET B 285 6.59 3.94 -2.05
N ILE B 286 6.42 4.75 -3.09
CA ILE B 286 5.22 5.58 -3.22
C ILE B 286 3.93 4.82 -3.57
N THR B 287 4.05 3.50 -3.79
CA THR B 287 2.87 2.63 -3.93
C THR B 287 2.59 1.84 -2.66
N ARG B 288 3.36 2.08 -1.61
CA ARG B 288 3.29 1.22 -0.44
C ARG B 288 2.86 1.94 0.84
N VAL B 289 2.47 3.20 0.70
CA VAL B 289 2.24 4.08 1.85
C VAL B 289 0.89 4.83 1.79
N PRO B 290 -0.20 4.14 2.15
CA PRO B 290 -1.54 4.74 2.10
C PRO B 290 -1.80 5.67 3.27
N LEU B 291 -2.85 6.47 3.18
CA LEU B 291 -3.30 7.28 4.31
C LEU B 291 -4.53 6.63 4.93
N GLY B 292 -4.77 6.95 6.21
CA GLY B 292 -5.90 6.40 6.95
C GLY B 292 -7.26 6.89 6.47
N SER B 293 -8.29 6.43 7.16
CA SER B 293 -9.67 6.72 6.81
C SER B 293 -10.41 7.33 7.98
N VAL B 294 -11.01 8.50 7.74
CA VAL B 294 -11.76 9.20 8.78
C VAL B 294 -12.84 10.13 8.19
N ILE B 295 -13.97 10.21 8.90
CA ILE B 295 -14.95 11.27 8.71
C ILE B 295 -14.95 12.09 9.99
N LYS B 296 -14.70 13.39 9.86
CA LYS B 296 -14.80 14.31 10.99
C LYS B 296 -16.22 14.92 11.00
N CYS B 297 -16.89 14.80 12.13
CA CYS B 297 -18.31 15.15 12.26
C CYS B 297 -18.49 16.09 13.44
N ILE B 298 -19.19 17.20 13.22
CA ILE B 298 -19.46 18.16 14.31
C ILE B 298 -20.98 18.41 14.45
N VAL B 299 -21.52 18.05 15.62
CA VAL B 299 -22.94 18.24 15.92
C VAL B 299 -23.10 19.45 16.82
N TYR B 300 -23.99 20.37 16.42
CA TYR B 300 -24.22 21.63 17.11
C TYR B 300 -25.49 21.59 17.95
N TYR B 301 -25.43 22.22 19.12
CA TYR B 301 -26.55 22.28 20.05
C TYR B 301 -26.76 23.71 20.56
N LYS B 302 -27.95 23.99 21.07
CA LYS B 302 -28.31 25.29 21.64
C LYS B 302 -27.35 25.70 22.80
N GLU B 303 -27.01 24.74 23.65
CA GLU B 303 -26.13 24.97 24.79
C GLU B 303 -25.17 23.79 24.98
N PRO B 304 -24.04 23.98 25.68
CA PRO B 304 -23.16 22.85 26.02
C PRO B 304 -23.72 22.08 27.22
N PHE B 305 -24.86 21.44 27.00
CA PHE B 305 -25.69 20.85 28.06
C PHE B 305 -24.93 19.83 28.91
N TRP B 306 -23.94 19.16 28.32
CA TRP B 306 -23.15 18.15 29.01
C TRP B 306 -22.42 18.70 30.25
N ARG B 307 -22.00 19.97 30.19
CA ARG B 307 -21.32 20.63 31.32
C ARG B 307 -22.18 20.69 32.59
N LYS B 308 -23.49 20.77 32.42
CA LYS B 308 -24.41 20.84 33.56
C LYS B 308 -24.42 19.53 34.36
N LYS B 309 -24.09 18.43 33.68
CA LYS B 309 -23.98 17.11 34.31
C LYS B 309 -22.55 16.78 34.76
N ASP B 310 -21.68 17.79 34.74
CA ASP B 310 -20.27 17.68 35.11
C ASP B 310 -19.49 16.75 34.17
N TYR B 311 -19.85 16.80 32.88
CA TYR B 311 -19.12 16.16 31.79
C TYR B 311 -18.46 17.24 30.91
N CYS B 312 -17.19 17.04 30.50
CA CYS B 312 -16.52 18.02 29.66
C CYS B 312 -16.86 17.92 28.18
N GLY B 313 -17.32 16.73 27.76
CA GLY B 313 -17.64 16.50 26.36
C GLY B 313 -16.73 15.48 25.69
N THR B 314 -15.68 15.09 26.41
CA THR B 314 -14.81 14.00 25.98
C THR B 314 -15.49 12.68 26.27
N MET B 315 -15.64 11.86 25.24
CA MET B 315 -16.18 10.52 25.38
C MET B 315 -15.23 9.57 24.70
N ILE B 316 -14.85 8.51 25.41
CA ILE B 316 -14.06 7.41 24.83
C ILE B 316 -15.00 6.22 24.74
N ILE B 317 -15.35 5.83 23.51
CA ILE B 317 -16.47 4.92 23.31
C ILE B 317 -16.06 3.60 22.66
N ASP B 318 -16.08 2.54 23.47
CA ASP B 318 -15.69 1.19 23.06
C ASP B 318 -16.78 0.47 22.29
N GLY B 319 -16.38 -0.41 21.36
CA GLY B 319 -17.33 -1.32 20.76
C GLY B 319 -17.63 -1.09 19.29
N GLU B 320 -17.96 -2.18 18.62
CA GLU B 320 -18.24 -2.18 17.17
C GLU B 320 -19.46 -1.35 16.78
N GLU B 321 -20.49 -1.37 17.63
CA GLU B 321 -21.77 -0.74 17.32
C GLU B 321 -21.70 0.80 17.25
N ALA B 322 -20.87 1.40 18.09
CA ALA B 322 -20.73 2.86 18.10
C ALA B 322 -20.08 3.39 16.81
N PRO B 323 -20.76 4.30 16.11
CA PRO B 323 -20.18 4.93 14.91
C PRO B 323 -18.93 5.75 15.23
N VAL B 324 -18.91 6.37 16.42
CA VAL B 324 -17.86 7.30 16.83
C VAL B 324 -17.18 6.75 18.07
N ALA B 325 -15.85 6.68 18.04
CA ALA B 325 -15.10 6.12 19.17
C ALA B 325 -14.56 7.20 20.11
N TYR B 326 -14.54 8.44 19.64
CA TYR B 326 -13.92 9.52 20.41
C TYR B 326 -14.53 10.86 20.06
N THR B 327 -14.78 11.65 21.09
CA THR B 327 -15.32 13.00 20.94
C THR B 327 -14.57 13.99 21.80
N LEU B 328 -14.67 15.26 21.42
CA LEU B 328 -14.26 16.41 22.22
C LEU B 328 -15.28 17.53 22.12
N ASP B 329 -15.37 18.32 23.18
CA ASP B 329 -16.12 19.56 23.17
C ASP B 329 -15.54 20.52 22.11
N ASP B 330 -16.36 20.89 21.13
CA ASP B 330 -15.96 21.84 20.08
C ASP B 330 -16.56 23.25 20.23
N THR B 331 -17.13 23.53 21.41
CA THR B 331 -17.74 24.83 21.72
C THR B 331 -16.70 25.95 21.61
N LYS B 332 -17.11 27.13 21.18
CA LYS B 332 -16.23 28.29 21.05
C LYS B 332 -15.81 28.76 22.43
N PRO B 333 -14.65 29.42 22.54
CA PRO B 333 -14.14 29.88 23.84
C PRO B 333 -15.13 30.81 24.54
N GLU B 334 -15.96 31.51 23.77
CA GLU B 334 -16.97 32.41 24.30
C GLU B 334 -18.14 31.65 24.94
N GLY B 335 -18.25 30.36 24.63
CA GLY B 335 -19.29 29.52 25.21
C GLY B 335 -20.51 29.34 24.31
N ASN B 336 -20.44 29.92 23.11
CA ASN B 336 -21.52 29.81 22.15
C ASN B 336 -21.11 28.88 21.02
N TYR B 337 -22.03 28.65 20.09
CA TYR B 337 -21.88 27.62 19.06
C TYR B 337 -21.51 26.28 19.71
N ALA B 338 -22.24 25.95 20.79
CA ALA B 338 -22.06 24.68 21.49
C ALA B 338 -21.99 23.51 20.51
N ALA B 339 -21.04 22.61 20.68
CA ALA B 339 -20.84 21.52 19.74
C ALA B 339 -20.01 20.35 20.27
N ILE B 340 -20.25 19.17 19.71
CA ILE B 340 -19.44 17.99 19.95
C ILE B 340 -18.74 17.62 18.65
N MET B 341 -17.43 17.46 18.72
CA MET B 341 -16.65 16.92 17.60
C MET B 341 -16.45 15.43 17.80
N GLY B 342 -16.70 14.64 16.77
CA GLY B 342 -16.39 13.22 16.84
C GLY B 342 -15.78 12.67 15.56
N PHE B 343 -14.99 11.59 15.68
CA PHE B 343 -14.36 10.93 14.53
C PHE B 343 -15.03 9.58 14.25
N ILE B 344 -15.37 9.33 12.98
CA ILE B 344 -15.76 8.00 12.53
C ILE B 344 -14.52 7.38 11.89
N LEU B 345 -13.99 6.31 12.50
CA LEU B 345 -12.62 5.86 12.22
C LEU B 345 -12.49 4.59 11.40
N ALA B 346 -11.51 4.58 10.51
CA ALA B 346 -11.03 3.36 9.85
C ALA B 346 -12.17 2.59 9.15
N HIS B 347 -12.42 1.32 9.49
CA HIS B 347 -13.46 0.56 8.78
C HIS B 347 -14.88 1.14 8.92
N LYS B 348 -15.16 1.79 10.05
CA LYS B 348 -16.44 2.48 10.24
C LYS B 348 -16.63 3.65 9.28
N ALA B 349 -15.54 4.35 8.94
CA ALA B 349 -15.61 5.41 7.94
C ALA B 349 -16.03 4.80 6.60
N ARG B 350 -15.48 3.63 6.27
CA ARG B 350 -15.80 2.95 5.01
C ARG B 350 -17.25 2.47 4.99
N LYS B 351 -17.68 1.87 6.09
CA LYS B 351 -19.05 1.34 6.21
C LYS B 351 -20.13 2.43 6.21
N LEU B 352 -19.94 3.50 6.98
CA LEU B 352 -20.98 4.51 7.18
C LEU B 352 -21.03 5.63 6.12
N ALA B 353 -20.04 5.66 5.24
CA ALA B 353 -20.02 6.62 4.14
C ALA B 353 -21.18 6.37 3.16
N ARG B 354 -21.68 5.14 3.15
CA ARG B 354 -22.82 4.72 2.32
C ARG B 354 -24.11 5.46 2.68
N LEU B 355 -24.23 5.87 3.94
CA LEU B 355 -25.41 6.57 4.44
C LEU B 355 -25.49 8.00 3.92
N THR B 356 -26.64 8.63 4.14
CA THR B 356 -26.78 10.05 3.89
C THR B 356 -26.25 10.81 5.11
N LYS B 357 -25.97 12.09 4.89
CA LYS B 357 -25.61 13.03 5.94
C LYS B 357 -26.62 13.00 7.10
N GLU B 358 -27.90 12.98 6.75
CA GLU B 358 -28.98 13.01 7.75
C GLU B 358 -29.03 11.69 8.54
N GLU B 359 -28.75 10.57 7.86
CA GLU B 359 -28.68 9.27 8.53
C GLU B 359 -27.51 9.20 9.52
N ARG B 360 -26.36 9.76 9.13
CA ARG B 360 -25.20 9.82 10.02
C ARG B 360 -25.48 10.70 11.25
N LEU B 361 -26.11 11.86 11.03
CA LEU B 361 -26.48 12.76 12.13
C LEU B 361 -27.35 12.04 13.17
N LYS B 362 -28.34 11.30 12.67
CA LYS B 362 -29.25 10.55 13.55
C LYS B 362 -28.51 9.52 14.41
N LYS B 363 -27.63 8.73 13.79
CA LYS B 363 -26.84 7.72 14.52
C LYS B 363 -25.94 8.36 15.60
N LEU B 364 -25.34 9.50 15.27
CA LEU B 364 -24.47 10.21 16.23
C LEU B 364 -25.25 10.77 17.42
N CYS B 365 -26.36 11.43 17.14
CA CYS B 365 -27.23 11.97 18.19
C CYS B 365 -27.72 10.89 19.15
N GLU B 366 -28.14 9.76 18.57
CA GLU B 366 -28.60 8.63 19.39
C GLU B 366 -27.48 8.04 20.26
N LEU B 367 -26.26 7.95 19.70
CA LEU B 367 -25.11 7.51 20.47
C LEU B 367 -24.80 8.47 21.62
N TYR B 368 -24.80 9.76 21.31
CA TYR B 368 -24.42 10.77 22.30
C TYR B 368 -25.48 10.84 23.42
N ALA B 369 -26.74 10.65 23.05
CA ALA B 369 -27.82 10.63 24.05
C ALA B 369 -27.58 9.50 25.06
N LYS B 370 -27.21 8.32 24.54
CA LYS B 370 -26.85 7.18 25.38
C LYS B 370 -25.64 7.48 26.30
N VAL B 371 -24.53 7.88 25.69
CA VAL B 371 -23.27 8.04 26.42
C VAL B 371 -23.34 9.16 27.46
N LEU B 372 -23.97 10.27 27.10
CA LEU B 372 -24.09 11.42 28.01
C LEU B 372 -25.30 11.30 28.91
N GLY B 373 -26.17 10.32 28.64
CA GLY B 373 -27.38 10.10 29.41
C GLY B 373 -28.30 11.31 29.34
N SER B 374 -28.46 11.86 28.14
CA SER B 374 -29.19 13.11 27.95
C SER B 374 -30.04 13.13 26.69
N LEU B 375 -31.35 13.34 26.87
CA LEU B 375 -32.26 13.51 25.74
C LEU B 375 -31.95 14.78 24.91
N GLU B 376 -31.29 15.74 25.52
CA GLU B 376 -30.91 16.98 24.82
C GLU B 376 -30.03 16.73 23.58
N ALA B 377 -29.30 15.61 23.59
CA ALA B 377 -28.45 15.20 22.47
C ALA B 377 -29.25 14.87 21.20
N LEU B 378 -30.55 14.65 21.37
CA LEU B 378 -31.42 14.31 20.23
C LEU B 378 -31.97 15.55 19.53
N GLU B 379 -31.56 16.72 19.99
CA GLU B 379 -32.03 17.99 19.43
C GLU B 379 -30.93 18.87 18.83
N PRO B 380 -30.24 18.39 17.79
CA PRO B 380 -29.17 19.18 17.18
C PRO B 380 -29.76 20.40 16.46
N VAL B 381 -29.02 21.50 16.43
CA VAL B 381 -29.44 22.71 15.70
C VAL B 381 -28.76 22.81 14.34
N HIS B 382 -27.69 22.04 14.14
CA HIS B 382 -26.86 22.11 12.93
C HIS B 382 -25.85 20.96 12.91
N TYR B 383 -25.37 20.62 11.71
CA TYR B 383 -24.41 19.53 11.53
C TYR B 383 -23.43 19.87 10.40
N GLU B 384 -22.15 19.61 10.63
CA GLU B 384 -21.11 19.74 9.60
C GLU B 384 -20.23 18.48 9.61
N GLU B 385 -19.86 17.99 8.44
CA GLU B 385 -19.00 16.81 8.36
C GLU B 385 -18.08 16.85 7.15
N LYS B 386 -17.01 16.07 7.19
CA LYS B 386 -16.09 15.96 6.06
C LYS B 386 -15.47 14.57 6.01
N ASN B 387 -15.69 13.89 4.89
CA ASN B 387 -15.08 12.60 4.64
C ASN B 387 -13.78 12.76 3.84
N TRP B 388 -12.65 12.57 4.52
CA TRP B 388 -11.35 12.77 3.90
C TRP B 388 -10.92 11.67 2.91
N CYS B 389 -11.63 10.54 2.95
CA CYS B 389 -11.33 9.42 2.05
C CYS B 389 -11.67 9.75 0.60
N GLU B 390 -12.51 10.76 0.41
CA GLU B 390 -12.96 11.08 -0.94
C GLU B 390 -12.04 12.08 -1.66
N GLU B 391 -11.03 12.59 -0.95
CA GLU B 391 -10.16 13.65 -1.48
C GLU B 391 -9.04 13.15 -2.38
N GLN B 392 -9.13 13.46 -3.67
CA GLN B 392 -8.10 13.11 -4.67
C GLN B 392 -6.71 13.66 -4.30
N TYR B 393 -6.67 14.89 -3.76
CA TYR B 393 -5.39 15.52 -3.45
C TYR B 393 -4.98 15.45 -1.96
N SER B 394 -5.63 14.57 -1.20
CA SER B 394 -5.16 14.18 0.13
C SER B 394 -4.89 12.67 0.21
N GLY B 395 -5.89 11.89 -0.19
CA GLY B 395 -5.80 10.43 -0.18
C GLY B 395 -6.32 9.80 1.10
N GLY B 396 -6.61 10.64 2.09
CA GLY B 396 -7.10 10.21 3.38
C GLY B 396 -6.67 11.20 4.46
N CYS B 397 -6.86 10.80 5.72
CA CYS B 397 -6.40 11.57 6.89
C CYS B 397 -6.31 10.63 8.08
N TYR B 398 -5.60 11.00 9.16
CA TYR B 398 -4.80 12.23 9.26
C TYR B 398 -3.55 12.19 8.41
N THR B 399 -3.00 10.99 8.22
CA THR B 399 -1.65 10.87 7.70
C THR B 399 -1.37 9.51 7.11
N THR B 400 -0.13 9.35 6.65
CA THR B 400 0.34 8.11 6.02
C THR B 400 0.68 7.06 7.08
N TYR B 401 0.19 5.84 6.88
CA TYR B 401 0.59 4.71 7.72
C TYR B 401 1.45 3.71 6.94
N PHE B 402 2.26 2.95 7.67
CA PHE B 402 3.10 1.94 7.06
C PHE B 402 2.63 0.52 7.39
N PRO B 403 2.20 -0.25 6.38
CA PRO B 403 1.89 -1.68 6.56
C PRO B 403 3.13 -2.48 6.95
N PRO B 404 2.94 -3.72 7.46
CA PRO B 404 4.09 -4.56 7.84
C PRO B 404 5.14 -4.71 6.74
N GLY B 405 6.39 -4.53 7.15
CA GLY B 405 7.55 -4.74 6.29
C GLY B 405 8.07 -3.54 5.50
N ILE B 406 7.32 -2.44 5.49
CA ILE B 406 7.62 -1.33 4.57
C ILE B 406 8.65 -0.34 5.12
N LEU B 407 8.50 0.04 6.39
CA LEU B 407 9.36 1.03 7.01
C LEU B 407 10.84 0.64 7.01
N THR B 408 11.15 -0.63 7.32
CA THR B 408 12.54 -1.10 7.28
C THR B 408 13.11 -1.16 5.87
N GLN B 409 12.27 -1.51 4.89
CA GLN B 409 12.74 -1.70 3.52
C GLN B 409 12.80 -0.40 2.70
N TYR B 410 11.91 0.54 2.99
CA TYR B 410 11.75 1.74 2.19
C TYR B 410 11.84 3.04 2.99
N GLY B 411 11.81 2.95 4.32
CA GLY B 411 11.80 4.13 5.18
C GLY B 411 12.93 5.14 4.96
N ARG B 412 14.14 4.64 4.74
CA ARG B 412 15.29 5.53 4.53
C ARG B 412 15.14 6.42 3.27
N VAL B 413 14.26 6.03 2.35
CA VAL B 413 14.02 6.73 1.09
C VAL B 413 13.19 8.01 1.26
N LEU B 414 12.39 8.08 2.34
CA LEU B 414 11.35 9.10 2.50
C LEU B 414 11.80 10.54 2.24
N ARG B 415 12.89 10.98 2.86
CA ARG B 415 13.34 12.36 2.66
C ARG B 415 14.68 12.49 1.93
N GLN B 416 15.10 11.42 1.26
CA GLN B 416 16.29 11.43 0.44
C GLN B 416 16.04 12.23 -0.85
N PRO B 417 16.83 13.27 -1.09
CA PRO B 417 16.68 14.08 -2.30
C PRO B 417 16.82 13.26 -3.58
N VAL B 418 16.08 13.63 -4.61
CA VAL B 418 16.23 13.01 -5.91
C VAL B 418 16.75 14.09 -6.87
N ASP B 419 18.08 14.11 -7.03
CA ASP B 419 18.75 15.16 -7.80
C ASP B 419 18.46 16.54 -7.19
N ARG B 420 17.61 17.33 -7.84
CA ARG B 420 17.26 18.66 -7.33
C ARG B 420 15.85 18.74 -6.71
N ILE B 421 15.22 17.59 -6.46
CA ILE B 421 13.94 17.54 -5.73
C ILE B 421 14.21 17.20 -4.27
N TYR B 422 13.75 18.07 -3.37
CA TYR B 422 13.83 17.85 -1.92
C TYR B 422 12.42 17.56 -1.38
N PHE B 423 12.32 16.86 -0.25
CA PHE B 423 11.03 16.33 0.20
C PHE B 423 10.61 16.89 1.54
N ALA B 424 9.46 17.58 1.52
CA ALA B 424 8.84 18.11 2.73
C ALA B 424 7.58 17.30 3.02
N GLY B 425 6.61 17.89 3.72
CA GLY B 425 5.41 17.16 4.08
C GLY B 425 5.56 16.57 5.47
N THR B 426 4.46 16.55 6.24
CA THR B 426 4.52 16.10 7.63
C THR B 426 5.07 14.66 7.77
N GLU B 427 4.86 13.86 6.75
CA GLU B 427 5.37 12.48 6.76
C GLU B 427 6.89 12.38 6.87
N THR B 428 7.62 13.45 6.52
CA THR B 428 9.08 13.46 6.60
C THR B 428 9.66 14.07 7.88
N ALA B 429 8.79 14.50 8.79
CA ALA B 429 9.26 15.07 10.06
C ALA B 429 9.75 14.00 11.03
N THR B 430 10.47 14.45 12.05
CA THR B 430 11.02 13.55 13.08
C THR B 430 10.43 13.81 14.46
N HIS B 431 9.61 14.85 14.56
CA HIS B 431 8.92 15.19 15.79
C HIS B 431 7.50 15.64 15.41
N TRP B 432 6.50 14.97 15.97
CA TRP B 432 5.08 15.16 15.61
C TRP B 432 4.82 15.04 14.10
N SER B 433 5.54 14.12 13.45
CA SER B 433 5.17 13.68 12.11
C SER B 433 3.71 13.25 12.19
N GLY B 434 2.93 13.62 11.17
CA GLY B 434 1.50 13.34 11.14
C GLY B 434 0.65 14.54 11.50
N TYR B 435 1.29 15.56 12.07
CA TYR B 435 0.62 16.74 12.62
C TYR B 435 1.03 18.03 11.89
N MET B 436 0.26 19.09 12.09
CA MET B 436 0.67 20.42 11.62
C MET B 436 2.09 20.82 12.08
N GLU B 437 2.45 20.48 13.32
CA GLU B 437 3.82 20.69 13.81
C GLU B 437 4.86 20.01 12.88
N GLY B 438 4.62 18.75 12.53
CA GLY B 438 5.52 18.04 11.63
C GLY B 438 5.59 18.66 10.24
N ALA B 439 4.46 19.16 9.73
CA ALA B 439 4.43 19.90 8.47
C ALA B 439 5.42 21.09 8.48
N VAL B 440 5.39 21.87 9.57
CA VAL B 440 6.30 23.01 9.71
C VAL B 440 7.76 22.57 9.77
N GLU B 441 8.08 21.62 10.65
CA GLU B 441 9.44 21.08 10.77
C GLU B 441 10.00 20.67 9.41
N ALA B 442 9.19 19.93 8.65
CA ALA B 442 9.63 19.33 7.39
C ALA B 442 9.80 20.36 6.28
N GLY B 443 8.88 21.33 6.22
CA GLY B 443 8.92 22.38 5.21
C GLY B 443 10.16 23.23 5.37
N GLU B 444 10.42 23.63 6.62
CA GLU B 444 11.56 24.49 6.94
C GLU B 444 12.90 23.76 6.76
N ARG B 445 12.94 22.48 7.13
CA ARG B 445 14.13 21.66 6.96
C ARG B 445 14.45 21.47 5.47
N ALA B 446 13.41 21.21 4.66
CA ALA B 446 13.60 21.04 3.21
C ALA B 446 14.10 22.34 2.56
N ALA B 447 13.54 23.47 3.01
CA ALA B 447 13.97 24.78 2.50
C ALA B 447 15.45 25.04 2.83
N ARG B 448 15.86 24.69 4.05
CA ARG B 448 17.25 24.84 4.47
C ARG B 448 18.22 23.90 3.75
N GLU B 449 17.73 22.73 3.34
CA GLU B 449 18.52 21.81 2.50
C GLU B 449 18.89 22.51 1.19
N ILE B 450 17.92 23.20 0.60
CA ILE B 450 18.16 23.94 -0.63
C ILE B 450 19.09 25.13 -0.40
N LEU B 451 18.89 25.86 0.70
CA LEU B 451 19.80 26.94 1.09
C LEU B 451 21.25 26.45 1.23
N HIS B 452 21.43 25.26 1.81
CA HIS B 452 22.75 24.64 1.89
C HIS B 452 23.31 24.26 0.51
N ALA B 453 22.48 23.66 -0.34
CA ALA B 453 22.89 23.28 -1.69
C ALA B 453 23.34 24.49 -2.52
N MET B 454 22.74 25.64 -2.21
CA MET B 454 23.11 26.91 -2.86
C MET B 454 24.35 27.57 -2.23
N GLY B 455 24.85 27.03 -1.13
CA GLY B 455 26.00 27.58 -0.42
C GLY B 455 25.71 28.74 0.52
N LYS B 456 24.43 28.98 0.80
CA LYS B 456 24.03 30.11 1.64
C LYS B 456 24.16 29.84 3.15
N ILE B 457 24.10 28.58 3.56
CA ILE B 457 24.23 28.20 4.96
C ILE B 457 25.09 26.93 5.08
N PRO B 458 25.75 26.73 6.22
CA PRO B 458 26.51 25.49 6.47
C PRO B 458 25.60 24.30 6.78
N GLU B 459 26.13 23.09 6.60
CA GLU B 459 25.40 21.85 6.87
C GLU B 459 24.82 21.85 8.29
N ASP B 460 25.58 22.43 9.21
CA ASP B 460 25.20 22.69 10.60
C ASP B 460 23.79 23.22 10.81
N GLU B 461 23.30 24.02 9.86
CA GLU B 461 22.08 24.78 10.06
C GLU B 461 20.85 24.20 9.36
N ILE B 462 21.00 23.03 8.73
CA ILE B 462 19.88 22.37 8.05
C ILE B 462 18.78 21.97 9.06
N TRP B 463 19.17 21.31 10.14
CA TRP B 463 18.25 20.93 11.20
C TRP B 463 18.42 21.89 12.36
N GLN B 464 17.33 22.57 12.74
CA GLN B 464 17.39 23.59 13.78
C GLN B 464 16.40 23.35 14.90
N SER B 465 16.89 23.49 16.14
CA SER B 465 16.04 23.37 17.31
C SER B 465 15.08 24.56 17.39
N GLU B 466 14.03 24.42 18.20
CA GLU B 466 13.02 25.45 18.34
C GLU B 466 12.87 25.83 19.81
N PRO B 467 12.96 27.11 20.14
CA PRO B 467 12.75 27.56 21.54
C PRO B 467 11.32 27.28 21.99
N GLU B 468 11.15 26.95 23.27
CA GLU B 468 9.84 26.61 23.82
C GLU B 468 8.90 27.82 23.78
N SER B 469 7.65 27.57 23.40
CA SER B 469 6.62 28.59 23.43
C SER B 469 6.45 29.14 24.85
N VAL B 470 6.38 30.46 24.97
CA VAL B 470 6.09 31.10 26.27
C VAL B 470 4.60 31.04 26.59
N ASP B 471 3.77 30.92 25.56
CA ASP B 471 2.32 30.89 25.69
C ASP B 471 1.76 29.50 26.01
N VAL B 472 2.44 28.47 25.53
CA VAL B 472 2.03 27.08 25.72
C VAL B 472 3.19 26.24 26.25
N PRO B 473 3.56 26.44 27.53
CA PRO B 473 4.69 25.72 28.12
C PRO B 473 4.37 24.26 28.38
N ALA B 474 5.37 23.39 28.23
CA ALA B 474 5.22 21.96 28.49
C ALA B 474 5.55 21.61 29.94
N GLN B 475 4.63 20.92 30.62
CA GLN B 475 4.92 20.25 31.88
C GLN B 475 5.53 18.89 31.57
N PRO B 476 6.49 18.44 32.38
CA PRO B 476 7.14 17.15 32.12
C PRO B 476 6.16 15.97 32.31
N ILE B 477 6.42 14.87 31.61
CA ILE B 477 5.66 13.64 31.79
C ILE B 477 6.28 12.88 32.96
N THR B 478 5.46 12.57 33.96
CA THR B 478 5.90 11.80 35.13
C THR B 478 5.14 10.47 35.28
N THR B 479 5.79 9.53 35.96
CA THR B 479 5.17 8.25 36.36
C THR B 479 5.36 8.06 37.87
N THR B 480 4.56 7.19 38.47
CA THR B 480 4.71 6.86 39.89
C THR B 480 5.59 5.62 40.06
N PHE B 481 6.07 5.41 41.28
CA PHE B 481 6.87 4.25 41.63
C PHE B 481 6.14 2.94 41.30
N LEU B 482 4.86 2.87 41.66
CA LEU B 482 4.04 1.69 41.39
C LEU B 482 3.81 1.42 39.90
N GLU B 483 3.56 2.49 39.13
CA GLU B 483 3.41 2.39 37.67
C GLU B 483 4.66 1.82 37.00
N ARG B 484 5.83 2.22 37.48
CA ARG B 484 7.11 1.78 36.95
C ARG B 484 7.42 0.32 37.29
N HIS B 485 7.03 -0.12 38.50
CA HIS B 485 7.51 -1.40 39.04
C HIS B 485 6.49 -2.54 39.23
N LEU B 486 5.20 -2.23 39.18
CA LEU B 486 4.19 -3.28 39.25
C LEU B 486 4.39 -4.28 38.11
N PRO B 487 4.26 -5.58 38.40
CA PRO B 487 4.48 -6.61 37.40
C PRO B 487 3.38 -6.66 36.34
N SER B 488 3.74 -7.20 35.17
CA SER B 488 2.76 -7.57 34.16
C SER B 488 1.95 -8.77 34.67
N VAL B 489 0.93 -9.17 33.91
CA VAL B 489 0.18 -10.38 34.24
C VAL B 489 1.07 -11.66 34.17
N PRO B 490 1.79 -11.90 33.06
CA PRO B 490 2.74 -13.02 33.01
C PRO B 490 3.85 -12.92 34.06
N GLY B 491 4.21 -11.69 34.44
CA GLY B 491 5.20 -11.43 35.47
C GLY B 491 4.72 -11.85 36.84
N LEU B 492 3.45 -11.57 37.13
CA LEU B 492 2.83 -12.01 38.38
C LEU B 492 2.70 -13.54 38.44
N LEU B 493 2.41 -14.16 37.30
CA LEU B 493 2.28 -15.61 37.22
C LEU B 493 3.59 -16.35 37.49
N ARG B 494 4.70 -15.74 37.08
CA ARG B 494 6.04 -16.29 37.36
C ARG B 494 6.43 -16.11 38.82
N LEU B 495 6.00 -15.00 39.42
CA LEU B 495 6.17 -14.76 40.85
C LEU B 495 5.35 -15.76 41.69
N ILE B 496 4.24 -16.23 41.10
CA ILE B 496 3.41 -17.25 41.72
C ILE B 496 4.05 -18.63 41.50
#